data_6JV5
# 
_entry.id   6JV5 
# 
_audit_conform.dict_name       mmcif_pdbx.dic 
_audit_conform.dict_version    5.387 
_audit_conform.dict_location   http://mmcif.pdb.org/dictionaries/ascii/mmcif_pdbx.dic 
# 
loop_
_database_2.database_id 
_database_2.database_code 
_database_2.pdbx_database_accession 
_database_2.pdbx_DOI 
PDB   6JV5         pdb_00006jv5 10.2210/pdb6jv5/pdb 
WWPDB D_1300011858 ?            ?                   
# 
loop_
_pdbx_audit_revision_history.ordinal 
_pdbx_audit_revision_history.data_content_type 
_pdbx_audit_revision_history.major_revision 
_pdbx_audit_revision_history.minor_revision 
_pdbx_audit_revision_history.revision_date 
1 'Structure model' 1 0 2019-07-31 
2 'Structure model' 1 1 2019-09-18 
3 'Structure model' 1 2 2024-03-27 
# 
_pdbx_audit_revision_details.ordinal             1 
_pdbx_audit_revision_details.revision_ordinal    1 
_pdbx_audit_revision_details.data_content_type   'Structure model' 
_pdbx_audit_revision_details.provider            repository 
_pdbx_audit_revision_details.type                'Initial release' 
_pdbx_audit_revision_details.description         ? 
_pdbx_audit_revision_details.details             ? 
# 
loop_
_pdbx_audit_revision_group.ordinal 
_pdbx_audit_revision_group.revision_ordinal 
_pdbx_audit_revision_group.data_content_type 
_pdbx_audit_revision_group.group 
1 2 'Structure model' 'Data collection'     
2 2 'Structure model' 'Database references' 
3 3 'Structure model' 'Data collection'     
4 3 'Structure model' 'Database references' 
# 
loop_
_pdbx_audit_revision_category.ordinal 
_pdbx_audit_revision_category.revision_ordinal 
_pdbx_audit_revision_category.data_content_type 
_pdbx_audit_revision_category.category 
1 2 'Structure model' citation        
2 2 'Structure model' citation_author 
3 3 'Structure model' chem_comp_atom  
4 3 'Structure model' chem_comp_bond  
5 3 'Structure model' database_2      
# 
loop_
_pdbx_audit_revision_item.ordinal 
_pdbx_audit_revision_item.revision_ordinal 
_pdbx_audit_revision_item.data_content_type 
_pdbx_audit_revision_item.item 
1 2 'Structure model' '_citation.journal_id_ISSN'           
2 2 'Structure model' '_citation.journal_volume'            
3 2 'Structure model' '_citation.page_first'                
4 2 'Structure model' '_citation.page_last'                 
5 2 'Structure model' '_citation.pdbx_database_id_PubMed'   
6 2 'Structure model' '_citation.title'                     
7 2 'Structure model' '_citation_author.identifier_ORCID'   
8 3 'Structure model' '_database_2.pdbx_DOI'                
9 3 'Structure model' '_database_2.pdbx_database_accession' 
# 
_pdbx_database_status.status_code                     REL 
_pdbx_database_status.status_code_sf                  REL 
_pdbx_database_status.status_code_mr                  ? 
_pdbx_database_status.entry_id                        6JV5 
_pdbx_database_status.recvd_initial_deposition_date   2019-04-15 
_pdbx_database_status.SG_entry                        N 
_pdbx_database_status.deposit_site                    PDBJ 
_pdbx_database_status.process_site                    PDBJ 
_pdbx_database_status.status_code_cs                  ? 
_pdbx_database_status.methods_development_category    ? 
_pdbx_database_status.pdb_format_compatible           Y 
_pdbx_database_status.status_code_nmr_data            ? 
# 
loop_
_audit_author.name 
_audit_author.pdbx_ordinal 
_audit_author.identifier_ORCID 
'Zhang, L.'  1 0000-0002-7672-1168 
'Wang, Y.X.' 2 ?                   
# 
_citation.abstract                  ? 
_citation.abstract_id_CAS           ? 
_citation.book_id_ISBN              ? 
_citation.book_publisher            ? 
_citation.book_publisher_city       ? 
_citation.book_title                ? 
_citation.coordinate_linkage        ? 
_citation.country                   UK 
_citation.database_id_Medline       ? 
_citation.details                   ? 
_citation.id                        primary 
_citation.journal_abbrev            'Chem Sci' 
_citation.journal_id_ASTM           ? 
_citation.journal_id_CSD            ? 
_citation.journal_id_ISSN           2041-6520 
_citation.journal_full              ? 
_citation.journal_issue             ? 
_citation.journal_volume            10 
_citation.language                  ? 
_citation.page_first                7407 
_citation.page_last                 7417 
_citation.title                     
'Thymine DNA glycosylase recognizes the geometry alteration of minor grooves induced by 5-formylcytosine and 5-carboxylcytosine.' 
_citation.year                      2019 
_citation.database_id_CSD           ? 
_citation.pdbx_database_id_DOI      10.1039/c9sc02807b 
_citation.pdbx_database_id_PubMed   31489163 
_citation.unpublished_flag          ? 
# 
loop_
_citation_author.citation_id 
_citation_author.name 
_citation_author.ordinal 
_citation_author.identifier_ORCID 
primary 'Fu, T.'     1  ?                   
primary 'Liu, L.'    2  ?                   
primary 'Yang, Q.L.' 3  ?                   
primary 'Wang, Y.'   4  0000-0003-3892-7242 
primary 'Xu, P.'     5  ?                   
primary 'Zhang, L.'  6  0000-0002-3076-6993 
primary 'Liu, S.'    7  ?                   
primary 'Dai, Q.'    8  ?                   
primary 'Ji, Q.'     9  0000-0002-2321-8462 
primary 'Xu, G.L.'   10 ?                   
primary 'He, C.'     11 ?                   
primary 'Luo, C.'    12 0000-0003-3864-8382 
primary 'Zhang, L.'  13 0000-0002-7672-1168 
# 
loop_
_entity.id 
_entity.type 
_entity.src_method 
_entity.pdbx_description 
_entity.formula_weight 
_entity.pdbx_number_of_molecules 
_entity.pdbx_ec 
_entity.pdbx_mutation 
_entity.pdbx_fragment 
_entity.details 
1 polymer man 
;DNA (5'-D(*CP*CP*AP*GP*(5CM)P*GP*CP*TP*GP*G)-3')
;
3060.019 1  ? ? ? ? 
2 water   nat water                                              18.015   77 ? ? ? ? 
# 
_entity_poly.entity_id                      1 
_entity_poly.type                           polydeoxyribonucleotide 
_entity_poly.nstd_linkage                   no 
_entity_poly.nstd_monomer                   yes 
_entity_poly.pdbx_seq_one_letter_code       '(DC)(DC)(DA)(DG)(5CM)(DG)(DC)(DT)(DG)(DG)' 
_entity_poly.pdbx_seq_one_letter_code_can   CCAGCGCTGG 
_entity_poly.pdbx_strand_id                 A 
_entity_poly.pdbx_target_identifier         ? 
# 
_pdbx_entity_nonpoly.entity_id   2 
_pdbx_entity_nonpoly.name        water 
_pdbx_entity_nonpoly.comp_id     HOH 
# 
loop_
_entity_poly_seq.entity_id 
_entity_poly_seq.num 
_entity_poly_seq.mon_id 
_entity_poly_seq.hetero 
1 1  DC  n 
1 2  DC  n 
1 3  DA  n 
1 4  DG  n 
1 5  5CM n 
1 6  DG  n 
1 7  DC  n 
1 8  DT  n 
1 9  DG  n 
1 10 DG  n 
# 
_entity_src_gen.entity_id                          1 
_entity_src_gen.pdbx_src_id                        1 
_entity_src_gen.pdbx_alt_source_flag               sample 
_entity_src_gen.pdbx_seq_type                      'Biological sequence' 
_entity_src_gen.pdbx_beg_seq_num                   1 
_entity_src_gen.pdbx_end_seq_num                   10 
_entity_src_gen.gene_src_common_name               ? 
_entity_src_gen.gene_src_genus                     ? 
_entity_src_gen.pdbx_gene_src_gene                 ? 
_entity_src_gen.gene_src_species                   ? 
_entity_src_gen.gene_src_strain                    ? 
_entity_src_gen.gene_src_tissue                    ? 
_entity_src_gen.gene_src_tissue_fraction           ? 
_entity_src_gen.gene_src_details                   ? 
_entity_src_gen.pdbx_gene_src_fragment             ? 
_entity_src_gen.pdbx_gene_src_scientific_name      'Homo sapiens' 
_entity_src_gen.pdbx_gene_src_ncbi_taxonomy_id     9606 
_entity_src_gen.pdbx_gene_src_variant              ? 
_entity_src_gen.pdbx_gene_src_cell_line            ? 
_entity_src_gen.pdbx_gene_src_atcc                 ? 
_entity_src_gen.pdbx_gene_src_organ                ? 
_entity_src_gen.pdbx_gene_src_organelle            ? 
_entity_src_gen.pdbx_gene_src_cell                 ? 
_entity_src_gen.pdbx_gene_src_cellular_location    ? 
_entity_src_gen.host_org_common_name               ? 
_entity_src_gen.pdbx_host_org_scientific_name      'Escherichia coli K-12' 
_entity_src_gen.pdbx_host_org_ncbi_taxonomy_id     83333 
_entity_src_gen.host_org_genus                     ? 
_entity_src_gen.pdbx_host_org_gene                 ? 
_entity_src_gen.pdbx_host_org_organ                ? 
_entity_src_gen.host_org_species                   ? 
_entity_src_gen.pdbx_host_org_tissue               ? 
_entity_src_gen.pdbx_host_org_tissue_fraction      ? 
_entity_src_gen.pdbx_host_org_strain               K-12 
_entity_src_gen.pdbx_host_org_variant              ? 
_entity_src_gen.pdbx_host_org_cell_line            ? 
_entity_src_gen.pdbx_host_org_atcc                 ? 
_entity_src_gen.pdbx_host_org_culture_collection   ? 
_entity_src_gen.pdbx_host_org_cell                 ? 
_entity_src_gen.pdbx_host_org_organelle            ? 
_entity_src_gen.pdbx_host_org_cellular_location    ? 
_entity_src_gen.pdbx_host_org_vector_type          ? 
_entity_src_gen.pdbx_host_org_vector               ? 
_entity_src_gen.host_org_details                   ? 
_entity_src_gen.expression_system_id               ? 
_entity_src_gen.plasmid_name                       ? 
_entity_src_gen.plasmid_details                    ? 
_entity_src_gen.pdbx_description                   ? 
# 
loop_
_chem_comp.id 
_chem_comp.type 
_chem_comp.mon_nstd_flag 
_chem_comp.name 
_chem_comp.pdbx_synonyms 
_chem_comp.formula 
_chem_comp.formula_weight 
5CM 'DNA linking' n "5-METHYL-2'-DEOXY-CYTIDINE-5'-MONOPHOSPHATE" ? 'C10 H16 N3 O7 P' 321.224 
DA  'DNA linking' y "2'-DEOXYADENOSINE-5'-MONOPHOSPHATE"          ? 'C10 H14 N5 O6 P' 331.222 
DC  'DNA linking' y "2'-DEOXYCYTIDINE-5'-MONOPHOSPHATE"           ? 'C9 H14 N3 O7 P'  307.197 
DG  'DNA linking' y "2'-DEOXYGUANOSINE-5'-MONOPHOSPHATE"          ? 'C10 H14 N5 O7 P' 347.221 
DT  'DNA linking' y "THYMIDINE-5'-MONOPHOSPHATE"                  ? 'C10 H15 N2 O8 P' 322.208 
HOH non-polymer   . WATER                                         ? 'H2 O'            18.015  
# 
loop_
_pdbx_poly_seq_scheme.asym_id 
_pdbx_poly_seq_scheme.entity_id 
_pdbx_poly_seq_scheme.seq_id 
_pdbx_poly_seq_scheme.mon_id 
_pdbx_poly_seq_scheme.ndb_seq_num 
_pdbx_poly_seq_scheme.pdb_seq_num 
_pdbx_poly_seq_scheme.auth_seq_num 
_pdbx_poly_seq_scheme.pdb_mon_id 
_pdbx_poly_seq_scheme.auth_mon_id 
_pdbx_poly_seq_scheme.pdb_strand_id 
_pdbx_poly_seq_scheme.pdb_ins_code 
_pdbx_poly_seq_scheme.hetero 
A 1 1  DC  1  1  1  DC  DC  A . n 
A 1 2  DC  2  2  2  DC  DC  A . n 
A 1 3  DA  3  3  3  DA  DA  A . n 
A 1 4  DG  4  4  4  DG  DG  A . n 
A 1 5  5CM 5  5  5  5CM 5CM A . n 
A 1 6  DG  6  6  6  DG  DG  A . n 
A 1 7  DC  7  7  7  DC  DC  A . n 
A 1 8  DT  8  8  8  DT  DT  A . n 
A 1 9  DG  9  9  9  DG  DG  A . n 
A 1 10 DG  10 10 10 DG  DG  A . n 
# 
loop_
_pdbx_nonpoly_scheme.asym_id 
_pdbx_nonpoly_scheme.entity_id 
_pdbx_nonpoly_scheme.mon_id 
_pdbx_nonpoly_scheme.ndb_seq_num 
_pdbx_nonpoly_scheme.pdb_seq_num 
_pdbx_nonpoly_scheme.auth_seq_num 
_pdbx_nonpoly_scheme.pdb_mon_id 
_pdbx_nonpoly_scheme.auth_mon_id 
_pdbx_nonpoly_scheme.pdb_strand_id 
_pdbx_nonpoly_scheme.pdb_ins_code 
B 2 HOH 1  101 84 HOH HOH A . 
B 2 HOH 2  102 66 HOH HOH A . 
B 2 HOH 3  103 12 HOH HOH A . 
B 2 HOH 4  104 58 HOH HOH A . 
B 2 HOH 5  105 86 HOH HOH A . 
B 2 HOH 6  106 69 HOH HOH A . 
B 2 HOH 7  107 21 HOH HOH A . 
B 2 HOH 8  108 22 HOH HOH A . 
B 2 HOH 9  109 64 HOH HOH A . 
B 2 HOH 10 110 41 HOH HOH A . 
B 2 HOH 11 111 3  HOH HOH A . 
B 2 HOH 12 112 19 HOH HOH A . 
B 2 HOH 13 113 55 HOH HOH A . 
B 2 HOH 14 114 4  HOH HOH A . 
B 2 HOH 15 115 37 HOH HOH A . 
B 2 HOH 16 116 29 HOH HOH A . 
B 2 HOH 17 117 43 HOH HOH A . 
B 2 HOH 18 118 34 HOH HOH A . 
B 2 HOH 19 119 6  HOH HOH A . 
B 2 HOH 20 120 14 HOH HOH A . 
B 2 HOH 21 121 30 HOH HOH A . 
B 2 HOH 22 122 82 HOH HOH A . 
B 2 HOH 23 123 16 HOH HOH A . 
B 2 HOH 24 124 44 HOH HOH A . 
B 2 HOH 25 125 17 HOH HOH A . 
B 2 HOH 26 126 9  HOH HOH A . 
B 2 HOH 27 127 47 HOH HOH A . 
B 2 HOH 28 128 62 HOH HOH A . 
B 2 HOH 29 129 35 HOH HOH A . 
B 2 HOH 30 130 26 HOH HOH A . 
B 2 HOH 31 131 13 HOH HOH A . 
B 2 HOH 32 132 10 HOH HOH A . 
B 2 HOH 33 133 5  HOH HOH A . 
B 2 HOH 34 134 65 HOH HOH A . 
B 2 HOH 35 135 36 HOH HOH A . 
B 2 HOH 36 136 7  HOH HOH A . 
B 2 HOH 37 137 11 HOH HOH A . 
B 2 HOH 38 138 49 HOH HOH A . 
B 2 HOH 39 139 68 HOH HOH A . 
B 2 HOH 40 140 74 HOH HOH A . 
B 2 HOH 41 141 54 HOH HOH A . 
B 2 HOH 42 142 45 HOH HOH A . 
B 2 HOH 43 143 40 HOH HOH A . 
B 2 HOH 44 144 18 HOH HOH A . 
B 2 HOH 45 145 31 HOH HOH A . 
B 2 HOH 46 146 15 HOH HOH A . 
B 2 HOH 47 147 32 HOH HOH A . 
B 2 HOH 48 148 27 HOH HOH A . 
B 2 HOH 49 149 28 HOH HOH A . 
B 2 HOH 50 150 56 HOH HOH A . 
B 2 HOH 51 151 57 HOH HOH A . 
B 2 HOH 52 152 46 HOH HOH A . 
B 2 HOH 53 153 52 HOH HOH A . 
B 2 HOH 54 154 39 HOH HOH A . 
B 2 HOH 55 155 23 HOH HOH A . 
B 2 HOH 56 156 33 HOH HOH A . 
B 2 HOH 57 157 50 HOH HOH A . 
B 2 HOH 58 158 78 HOH HOH A . 
B 2 HOH 59 159 59 HOH HOH A . 
B 2 HOH 60 160 42 HOH HOH A . 
B 2 HOH 61 161 71 HOH HOH A . 
B 2 HOH 62 162 79 HOH HOH A . 
B 2 HOH 63 163 76 HOH HOH A . 
B 2 HOH 64 164 72 HOH HOH A . 
B 2 HOH 65 165 51 HOH HOH A . 
B 2 HOH 66 166 70 HOH HOH A . 
B 2 HOH 67 167 48 HOH HOH A . 
B 2 HOH 68 168 20 HOH HOH A . 
B 2 HOH 69 169 77 HOH HOH A . 
B 2 HOH 70 170 60 HOH HOH A . 
B 2 HOH 71 171 73 HOH HOH A . 
B 2 HOH 72 172 75 HOH HOH A . 
B 2 HOH 73 173 81 HOH HOH A . 
B 2 HOH 74 174 67 HOH HOH A . 
B 2 HOH 75 175 38 HOH HOH A . 
B 2 HOH 76 176 24 HOH HOH A . 
B 2 HOH 77 177 85 HOH HOH A . 
# 
loop_
_software.citation_id 
_software.classification 
_software.compiler_name 
_software.compiler_version 
_software.contact_author 
_software.contact_author_email 
_software.date 
_software.description 
_software.dependencies 
_software.hardware 
_software.language 
_software.location 
_software.mods 
_software.name 
_software.os 
_software.os_version 
_software.type 
_software.version 
_software.pdbx_ordinal 
? refinement       ? ? ? ? ? ? ? ? ? ? ? PHENIX   ? ? ? '(1.13_2998: ???)' 1 
? 'data reduction' ? ? ? ? ? ? ? ? ? ? ? HKL-3000 ? ? ? .                  2 
? 'data scaling'   ? ? ? ? ? ? ? ? ? ? ? HKL-3000 ? ? ? .                  3 
? phasing          ? ? ? ? ? ? ? ? ? ? ? PHASER   ? ? ? .                  4 
# 
_cell.angle_alpha                  90.00 
_cell.angle_alpha_esd              ? 
_cell.angle_beta                   115.93 
_cell.angle_beta_esd               ? 
_cell.angle_gamma                  90.00 
_cell.angle_gamma_esd              ? 
_cell.entry_id                     6JV5 
_cell.details                      ? 
_cell.formula_units_Z              ? 
_cell.length_a                     31.606 
_cell.length_a_esd                 ? 
_cell.length_b                     25.788 
_cell.length_b_esd                 ? 
_cell.length_c                     34.215 
_cell.length_c_esd                 ? 
_cell.volume                       ? 
_cell.volume_esd                   ? 
_cell.Z_PDB                        4 
_cell.reciprocal_angle_alpha       ? 
_cell.reciprocal_angle_beta        ? 
_cell.reciprocal_angle_gamma       ? 
_cell.reciprocal_angle_alpha_esd   ? 
_cell.reciprocal_angle_beta_esd    ? 
_cell.reciprocal_angle_gamma_esd   ? 
_cell.reciprocal_length_a          ? 
_cell.reciprocal_length_b          ? 
_cell.reciprocal_length_c          ? 
_cell.reciprocal_length_a_esd      ? 
_cell.reciprocal_length_b_esd      ? 
_cell.reciprocal_length_c_esd      ? 
_cell.pdbx_unique_axis             ? 
# 
_symmetry.entry_id                         6JV5 
_symmetry.cell_setting                     ? 
_symmetry.Int_Tables_number                5 
_symmetry.space_group_name_Hall            ? 
_symmetry.space_group_name_H-M             'C 1 2 1' 
_symmetry.pdbx_full_space_group_name_H-M   ? 
# 
_exptl.absorpt_coefficient_mu     ? 
_exptl.absorpt_correction_T_max   ? 
_exptl.absorpt_correction_T_min   ? 
_exptl.absorpt_correction_type    ? 
_exptl.absorpt_process_details    ? 
_exptl.entry_id                   6JV5 
_exptl.crystals_number            1 
_exptl.details                    ? 
_exptl.method                     'X-RAY DIFFRACTION' 
_exptl.method_details             ? 
# 
_exptl_crystal.colour                      ? 
_exptl_crystal.density_diffrn              ? 
_exptl_crystal.density_Matthews            2.05 
_exptl_crystal.density_method              ? 
_exptl_crystal.density_percent_sol         39.97 
_exptl_crystal.description                 ? 
_exptl_crystal.F_000                       ? 
_exptl_crystal.id                          1 
_exptl_crystal.preparation                 ? 
_exptl_crystal.size_max                    ? 
_exptl_crystal.size_mid                    ? 
_exptl_crystal.size_min                    ? 
_exptl_crystal.size_rad                    ? 
_exptl_crystal.colour_lustre               ? 
_exptl_crystal.colour_modifier             ? 
_exptl_crystal.colour_primary              ? 
_exptl_crystal.density_meas                ? 
_exptl_crystal.density_meas_esd            ? 
_exptl_crystal.density_meas_gt             ? 
_exptl_crystal.density_meas_lt             ? 
_exptl_crystal.density_meas_temp           ? 
_exptl_crystal.density_meas_temp_esd       ? 
_exptl_crystal.density_meas_temp_gt        ? 
_exptl_crystal.density_meas_temp_lt        ? 
_exptl_crystal.pdbx_crystal_image_url      ? 
_exptl_crystal.pdbx_crystal_image_format   ? 
_exptl_crystal.pdbx_mosaicity              ? 
_exptl_crystal.pdbx_mosaicity_esd          ? 
# 
_exptl_crystal_grow.apparatus       ? 
_exptl_crystal_grow.atmosphere      ? 
_exptl_crystal_grow.crystal_id      1 
_exptl_crystal_grow.details         ? 
_exptl_crystal_grow.method          'VAPOR DIFFUSION, SITTING DROP' 
_exptl_crystal_grow.method_ref      ? 
_exptl_crystal_grow.pH              5.5 
_exptl_crystal_grow.pressure        ? 
_exptl_crystal_grow.pressure_esd    ? 
_exptl_crystal_grow.seeding         ? 
_exptl_crystal_grow.seeding_ref     ? 
_exptl_crystal_grow.temp            277 
_exptl_crystal_grow.temp_details    ? 
_exptl_crystal_grow.temp_esd        ? 
_exptl_crystal_grow.time            ? 
_exptl_crystal_grow.pdbx_details    
'0.02M Magnesium chloride hexahydrate,0.04MSodium cacodylate trihydrate pH 5.5, 40% MPD,0.002M Hexammine cobalt(III) chloride' 
_exptl_crystal_grow.pdbx_pH_range   ? 
# 
_diffrn.ambient_environment              ? 
_diffrn.ambient_temp                     180 
_diffrn.ambient_temp_details             ? 
_diffrn.ambient_temp_esd                 ? 
_diffrn.crystal_id                       1 
_diffrn.crystal_support                  ? 
_diffrn.crystal_treatment                ? 
_diffrn.details                          ? 
_diffrn.id                               1 
_diffrn.ambient_pressure                 ? 
_diffrn.ambient_pressure_esd             ? 
_diffrn.ambient_pressure_gt              ? 
_diffrn.ambient_pressure_lt              ? 
_diffrn.ambient_temp_gt                  ? 
_diffrn.ambient_temp_lt                  ? 
_diffrn.pdbx_serial_crystal_experiment   N 
# 
_diffrn_detector.details                      ? 
_diffrn_detector.detector                     CCD 
_diffrn_detector.diffrn_id                    1 
_diffrn_detector.type                         'MAR CCD 130 mm' 
_diffrn_detector.area_resol_mean              ? 
_diffrn_detector.dtime                        ? 
_diffrn_detector.pdbx_frames_total            ? 
_diffrn_detector.pdbx_collection_time_total   ? 
_diffrn_detector.pdbx_collection_date         2019-01-16 
_diffrn_detector.pdbx_frequency               ? 
# 
_diffrn_radiation.collimation                      ? 
_diffrn_radiation.diffrn_id                        1 
_diffrn_radiation.filter_edge                      ? 
_diffrn_radiation.inhomogeneity                    ? 
_diffrn_radiation.monochromator                    ? 
_diffrn_radiation.polarisn_norm                    ? 
_diffrn_radiation.polarisn_ratio                   ? 
_diffrn_radiation.probe                            ? 
_diffrn_radiation.type                             ? 
_diffrn_radiation.xray_symbol                      ? 
_diffrn_radiation.wavelength_id                    1 
_diffrn_radiation.pdbx_monochromatic_or_laue_m_l   M 
_diffrn_radiation.pdbx_wavelength_list             ? 
_diffrn_radiation.pdbx_wavelength                  ? 
_diffrn_radiation.pdbx_diffrn_protocol             'SINGLE WAVELENGTH' 
_diffrn_radiation.pdbx_analyzer                    ? 
_diffrn_radiation.pdbx_scattering_type             x-ray 
# 
_diffrn_radiation_wavelength.id           1 
_diffrn_radiation_wavelength.wavelength   0.9795 
_diffrn_radiation_wavelength.wt           1.0 
# 
_diffrn_source.current                     ? 
_diffrn_source.details                     ? 
_diffrn_source.diffrn_id                   1 
_diffrn_source.power                       ? 
_diffrn_source.size                        ? 
_diffrn_source.source                      SYNCHROTRON 
_diffrn_source.target                      ? 
_diffrn_source.type                        'SSRF BEAMLINE BL19U1' 
_diffrn_source.voltage                     ? 
_diffrn_source.take-off_angle              ? 
_diffrn_source.pdbx_wavelength_list        0.9795 
_diffrn_source.pdbx_wavelength             ? 
_diffrn_source.pdbx_synchrotron_beamline   BL19U1 
_diffrn_source.pdbx_synchrotron_site       SSRF 
# 
_reflns.B_iso_Wilson_estimate            ? 
_reflns.entry_id                         6JV5 
_reflns.data_reduction_details           ? 
_reflns.data_reduction_method            ? 
_reflns.d_resolution_high                1.4 
_reflns.d_resolution_low                 50 
_reflns.details                          ? 
_reflns.limit_h_max                      ? 
_reflns.limit_h_min                      ? 
_reflns.limit_k_max                      ? 
_reflns.limit_k_min                      ? 
_reflns.limit_l_max                      ? 
_reflns.limit_l_min                      ? 
_reflns.number_all                       ? 
_reflns.number_obs                       4932 
_reflns.observed_criterion               ? 
_reflns.observed_criterion_F_max         ? 
_reflns.observed_criterion_F_min         ? 
_reflns.observed_criterion_I_max         ? 
_reflns.observed_criterion_I_min         ? 
_reflns.observed_criterion_sigma_F       ? 
_reflns.observed_criterion_sigma_I       ? 
_reflns.percent_possible_obs             99.1 
_reflns.R_free_details                   ? 
_reflns.Rmerge_F_all                     ? 
_reflns.Rmerge_F_obs                     ? 
_reflns.Friedel_coverage                 ? 
_reflns.number_gt                        ? 
_reflns.threshold_expression             ? 
_reflns.pdbx_redundancy                  6.6 
_reflns.pdbx_Rmerge_I_obs                ? 
_reflns.pdbx_Rmerge_I_all                ? 
_reflns.pdbx_Rsym_value                  ? 
_reflns.pdbx_netI_over_av_sigmaI         ? 
_reflns.pdbx_netI_over_sigmaI            29.5 
_reflns.pdbx_res_netI_over_av_sigmaI_2   ? 
_reflns.pdbx_res_netI_over_sigmaI_2      ? 
_reflns.pdbx_chi_squared                 ? 
_reflns.pdbx_scaling_rejects             ? 
_reflns.pdbx_d_res_high_opt              ? 
_reflns.pdbx_d_res_low_opt               ? 
_reflns.pdbx_d_res_opt_method            ? 
_reflns.phase_calculation_details        ? 
_reflns.pdbx_Rrim_I_all                  ? 
_reflns.pdbx_Rpim_I_all                  ? 
_reflns.pdbx_d_opt                       ? 
_reflns.pdbx_number_measured_all         ? 
_reflns.pdbx_diffrn_id                   1 
_reflns.pdbx_ordinal                     1 
_reflns.pdbx_CC_half                     ? 
_reflns.pdbx_R_split                     ? 
# 
_reflns_shell.d_res_high                  1.40 
_reflns_shell.d_res_low                   1.45 
_reflns_shell.meanI_over_sigI_all         ? 
_reflns_shell.meanI_over_sigI_obs         ? 
_reflns_shell.number_measured_all         ? 
_reflns_shell.number_measured_obs         ? 
_reflns_shell.number_possible             ? 
_reflns_shell.number_unique_all           ? 
_reflns_shell.number_unique_obs           ? 
_reflns_shell.percent_possible_all        ? 
_reflns_shell.percent_possible_obs        ? 
_reflns_shell.Rmerge_F_all                ? 
_reflns_shell.Rmerge_F_obs                ? 
_reflns_shell.Rmerge_I_all                ? 
_reflns_shell.Rmerge_I_obs                ? 
_reflns_shell.meanI_over_sigI_gt          ? 
_reflns_shell.meanI_over_uI_all           ? 
_reflns_shell.meanI_over_uI_gt            ? 
_reflns_shell.number_measured_gt          ? 
_reflns_shell.number_unique_gt            ? 
_reflns_shell.percent_possible_gt         ? 
_reflns_shell.Rmerge_F_gt                 ? 
_reflns_shell.Rmerge_I_gt                 ? 
_reflns_shell.pdbx_redundancy             ? 
_reflns_shell.pdbx_Rsym_value             ? 
_reflns_shell.pdbx_chi_squared            ? 
_reflns_shell.pdbx_netI_over_sigmaI_all   ? 
_reflns_shell.pdbx_netI_over_sigmaI_obs   ? 
_reflns_shell.pdbx_Rrim_I_all             ? 
_reflns_shell.pdbx_Rpim_I_all             ? 
_reflns_shell.pdbx_rejects                ? 
_reflns_shell.pdbx_ordinal                1 
_reflns_shell.pdbx_diffrn_id              1 
_reflns_shell.pdbx_CC_half                ? 
_reflns_shell.pdbx_R_split                ? 
# 
_refine.aniso_B[1][1]                            ? 
_refine.aniso_B[1][2]                            ? 
_refine.aniso_B[1][3]                            ? 
_refine.aniso_B[2][2]                            ? 
_refine.aniso_B[2][3]                            ? 
_refine.aniso_B[3][3]                            ? 
_refine.B_iso_max                                ? 
_refine.B_iso_mean                               ? 
_refine.B_iso_min                                ? 
_refine.correlation_coeff_Fo_to_Fc               ? 
_refine.correlation_coeff_Fo_to_Fc_free          ? 
_refine.details                                  ? 
_refine.diff_density_max                         ? 
_refine.diff_density_max_esd                     ? 
_refine.diff_density_min                         ? 
_refine.diff_density_min_esd                     ? 
_refine.diff_density_rms                         ? 
_refine.diff_density_rms_esd                     ? 
_refine.entry_id                                 6JV5 
_refine.pdbx_refine_id                           'X-RAY DIFFRACTION' 
_refine.ls_abs_structure_details                 ? 
_refine.ls_abs_structure_Flack                   ? 
_refine.ls_abs_structure_Flack_esd               ? 
_refine.ls_abs_structure_Rogers                  ? 
_refine.ls_abs_structure_Rogers_esd              ? 
_refine.ls_d_res_high                            1.401 
_refine.ls_d_res_low                             30.769 
_refine.ls_extinction_coef                       ? 
_refine.ls_extinction_coef_esd                   ? 
_refine.ls_extinction_expression                 ? 
_refine.ls_extinction_method                     ? 
_refine.ls_goodness_of_fit_all                   ? 
_refine.ls_goodness_of_fit_all_esd               ? 
_refine.ls_goodness_of_fit_obs                   ? 
_refine.ls_goodness_of_fit_obs_esd               ? 
_refine.ls_hydrogen_treatment                    ? 
_refine.ls_matrix_type                           ? 
_refine.ls_number_constraints                    ? 
_refine.ls_number_parameters                     ? 
_refine.ls_number_reflns_all                     ? 
_refine.ls_number_reflns_obs                     4932 
_refine.ls_number_reflns_R_free                  240 
_refine.ls_number_reflns_R_work                  ? 
_refine.ls_number_restraints                     ? 
_refine.ls_percent_reflns_obs                    98.98 
_refine.ls_percent_reflns_R_free                 4.87 
_refine.ls_R_factor_all                          ? 
_refine.ls_R_factor_obs                          0.1824 
_refine.ls_R_factor_R_free                       0.2166 
_refine.ls_R_factor_R_free_error                 ? 
_refine.ls_R_factor_R_free_error_details         ? 
_refine.ls_R_factor_R_work                       0.1805 
_refine.ls_R_Fsqd_factor_obs                     ? 
_refine.ls_R_I_factor_obs                        ? 
_refine.ls_redundancy_reflns_all                 ? 
_refine.ls_redundancy_reflns_obs                 ? 
_refine.ls_restrained_S_all                      ? 
_refine.ls_restrained_S_obs                      ? 
_refine.ls_shift_over_esd_max                    ? 
_refine.ls_shift_over_esd_mean                   ? 
_refine.ls_structure_factor_coef                 ? 
_refine.ls_weighting_details                     ? 
_refine.ls_weighting_scheme                      ? 
_refine.ls_wR_factor_all                         ? 
_refine.ls_wR_factor_obs                         ? 
_refine.ls_wR_factor_R_free                      ? 
_refine.ls_wR_factor_R_work                      ? 
_refine.occupancy_max                            ? 
_refine.occupancy_min                            ? 
_refine.solvent_model_details                    ? 
_refine.solvent_model_param_bsol                 ? 
_refine.solvent_model_param_ksol                 ? 
_refine.ls_R_factor_gt                           ? 
_refine.ls_goodness_of_fit_gt                    ? 
_refine.ls_goodness_of_fit_ref                   ? 
_refine.ls_shift_over_su_max                     ? 
_refine.ls_shift_over_su_max_lt                  ? 
_refine.ls_shift_over_su_mean                    ? 
_refine.ls_shift_over_su_mean_lt                 ? 
_refine.pdbx_ls_sigma_I                          ? 
_refine.pdbx_ls_sigma_F                          1.42 
_refine.pdbx_ls_sigma_Fsqd                       ? 
_refine.pdbx_data_cutoff_high_absF               ? 
_refine.pdbx_data_cutoff_high_rms_absF           ? 
_refine.pdbx_data_cutoff_low_absF                ? 
_refine.pdbx_isotropic_thermal_model             ? 
_refine.pdbx_ls_cross_valid_method               'FREE R-VALUE' 
_refine.pdbx_method_to_determine_struct          ? 
_refine.pdbx_starting_model                      ? 
_refine.pdbx_stereochemistry_target_values       ? 
_refine.pdbx_R_Free_selection_details            ? 
_refine.pdbx_stereochem_target_val_spec_case     ? 
_refine.pdbx_overall_ESU_R                       ? 
_refine.pdbx_overall_ESU_R_Free                  ? 
_refine.pdbx_solvent_vdw_probe_radii             1.11 
_refine.pdbx_solvent_ion_probe_radii             ? 
_refine.pdbx_solvent_shrinkage_radii             0.90 
_refine.pdbx_real_space_R                        ? 
_refine.pdbx_density_correlation                 ? 
_refine.pdbx_pd_number_of_powder_patterns        ? 
_refine.pdbx_pd_number_of_points                 ? 
_refine.pdbx_pd_meas_number_of_points            ? 
_refine.pdbx_pd_proc_ls_prof_R_factor            ? 
_refine.pdbx_pd_proc_ls_prof_wR_factor           ? 
_refine.pdbx_pd_Marquardt_correlation_coeff      ? 
_refine.pdbx_pd_Fsqrd_R_factor                   ? 
_refine.pdbx_pd_ls_matrix_band_width             ? 
_refine.pdbx_overall_phase_error                 15.62 
_refine.pdbx_overall_SU_R_free_Cruickshank_DPI   ? 
_refine.pdbx_overall_SU_R_free_Blow_DPI          ? 
_refine.pdbx_overall_SU_R_Blow_DPI               ? 
_refine.pdbx_TLS_residual_ADP_flag               ? 
_refine.pdbx_diffrn_id                           1 
_refine.overall_SU_B                             ? 
_refine.overall_SU_ML                            0.14 
_refine.overall_SU_R_Cruickshank_DPI             ? 
_refine.overall_SU_R_free                        ? 
_refine.overall_FOM_free_R_set                   ? 
_refine.overall_FOM_work_R_set                   ? 
_refine.pdbx_average_fsc_overall                 ? 
_refine.pdbx_average_fsc_work                    ? 
_refine.pdbx_average_fsc_free                    ? 
# 
_refine_hist.pdbx_refine_id                   'X-RAY DIFFRACTION' 
_refine_hist.cycle_id                         LAST 
_refine_hist.pdbx_number_atoms_protein        0 
_refine_hist.pdbx_number_atoms_nucleic_acid   203 
_refine_hist.pdbx_number_atoms_ligand         0 
_refine_hist.number_atoms_solvent             77 
_refine_hist.number_atoms_total               280 
_refine_hist.d_res_high                       1.401 
_refine_hist.d_res_low                        30.769 
# 
loop_
_refine_ls_restr.pdbx_refine_id 
_refine_ls_restr.criterion 
_refine_ls_restr.dev_ideal 
_refine_ls_restr.dev_ideal_target 
_refine_ls_restr.number 
_refine_ls_restr.rejects 
_refine_ls_restr.type 
_refine_ls_restr.weight 
_refine_ls_restr.pdbx_restraint_function 
'X-RAY DIFFRACTION' ? 0.005  ? 227 ? f_bond_d           ? ? 
'X-RAY DIFFRACTION' ? 0.933  ? 345 ? f_angle_d          ? ? 
'X-RAY DIFFRACTION' ? 34.996 ? 107 ? f_dihedral_angle_d ? ? 
'X-RAY DIFFRACTION' ? 0.047  ? 39  ? f_chiral_restr     ? ? 
'X-RAY DIFFRACTION' ? 0.008  ? 10  ? f_plane_restr      ? ? 
# 
loop_
_refine_ls_shell.pdbx_refine_id 
_refine_ls_shell.d_res_high 
_refine_ls_shell.d_res_low 
_refine_ls_shell.number_reflns_all 
_refine_ls_shell.number_reflns_obs 
_refine_ls_shell.number_reflns_R_free 
_refine_ls_shell.number_reflns_R_work 
_refine_ls_shell.percent_reflns_obs 
_refine_ls_shell.percent_reflns_R_free 
_refine_ls_shell.R_factor_all 
_refine_ls_shell.R_factor_obs 
_refine_ls_shell.R_factor_R_free 
_refine_ls_shell.R_factor_R_free_error 
_refine_ls_shell.R_factor_R_work 
_refine_ls_shell.redundancy_reflns_all 
_refine_ls_shell.redundancy_reflns_obs 
_refine_ls_shell.wR_factor_all 
_refine_ls_shell.wR_factor_obs 
_refine_ls_shell.wR_factor_R_free 
_refine_ls_shell.wR_factor_R_work 
_refine_ls_shell.pdbx_total_number_of_bins_used 
_refine_ls_shell.pdbx_phase_error 
_refine_ls_shell.pdbx_fsc_work 
_refine_ls_shell.pdbx_fsc_free 
'X-RAY DIFFRACTION' 1.4011 1.7653  . . 116 2334 99.00 . . . 0.2423 . 0.1627 . . . . . . . . . . 
'X-RAY DIFFRACTION' 1.7653 30.7769 . . 124 2358 99.00 . . . 0.2101 . 0.1857 . . . . . . . . . . 
# 
_struct.entry_id                     6JV5 
_struct.title                        'Crystal structure of 5-methylcytosine containing decamer dsDNA' 
_struct.pdbx_model_details           ? 
_struct.pdbx_formula_weight          ? 
_struct.pdbx_formula_weight_method   ? 
_struct.pdbx_model_type_details      ? 
_struct.pdbx_CASP_flag               N 
# 
_struct_keywords.entry_id        6JV5 
_struct_keywords.text            'Methylation, cytosine, duplex, DNA' 
_struct_keywords.pdbx_keywords   DNA 
# 
loop_
_struct_asym.id 
_struct_asym.pdbx_blank_PDB_chainid_flag 
_struct_asym.pdbx_modified 
_struct_asym.entity_id 
_struct_asym.details 
A N N 1 ? 
B N N 2 ? 
# 
_struct_ref.id                         1 
_struct_ref.db_name                    PDB 
_struct_ref.db_code                    6JV5 
_struct_ref.pdbx_db_accession          6JV5 
_struct_ref.pdbx_db_isoform            ? 
_struct_ref.entity_id                  1 
_struct_ref.pdbx_seq_one_letter_code   ? 
_struct_ref.pdbx_align_begin           1 
# 
_struct_ref_seq.align_id                      1 
_struct_ref_seq.ref_id                        1 
_struct_ref_seq.pdbx_PDB_id_code              6JV5 
_struct_ref_seq.pdbx_strand_id                A 
_struct_ref_seq.seq_align_beg                 1 
_struct_ref_seq.pdbx_seq_align_beg_ins_code   ? 
_struct_ref_seq.seq_align_end                 10 
_struct_ref_seq.pdbx_seq_align_end_ins_code   ? 
_struct_ref_seq.pdbx_db_accession             6JV5 
_struct_ref_seq.db_align_beg                  1 
_struct_ref_seq.pdbx_db_align_beg_ins_code    ? 
_struct_ref_seq.db_align_end                  10 
_struct_ref_seq.pdbx_db_align_end_ins_code    ? 
_struct_ref_seq.pdbx_auth_seq_align_beg       1 
_struct_ref_seq.pdbx_auth_seq_align_end       10 
# 
_pdbx_struct_assembly.id                   1 
_pdbx_struct_assembly.details              author_and_software_defined_assembly 
_pdbx_struct_assembly.method_details       PISA 
_pdbx_struct_assembly.oligomeric_details   dimeric 
_pdbx_struct_assembly.oligomeric_count     2 
# 
loop_
_pdbx_struct_assembly_prop.biol_id 
_pdbx_struct_assembly_prop.type 
_pdbx_struct_assembly_prop.value 
_pdbx_struct_assembly_prop.details 
1 'ABSA (A^2)' 2220 ? 
1 MORE         1    ? 
1 'SSA (A^2)'  3590 ? 
# 
_pdbx_struct_assembly_gen.assembly_id       1 
_pdbx_struct_assembly_gen.oper_expression   1,2 
_pdbx_struct_assembly_gen.asym_id_list      A,B 
# 
_pdbx_struct_assembly_auth_evidence.id                     1 
_pdbx_struct_assembly_auth_evidence.assembly_id            1 
_pdbx_struct_assembly_auth_evidence.experimental_support   none 
_pdbx_struct_assembly_auth_evidence.details                ? 
# 
loop_
_pdbx_struct_oper_list.id 
_pdbx_struct_oper_list.type 
_pdbx_struct_oper_list.name 
_pdbx_struct_oper_list.symmetry_operation 
_pdbx_struct_oper_list.matrix[1][1] 
_pdbx_struct_oper_list.matrix[1][2] 
_pdbx_struct_oper_list.matrix[1][3] 
_pdbx_struct_oper_list.vector[1] 
_pdbx_struct_oper_list.matrix[2][1] 
_pdbx_struct_oper_list.matrix[2][2] 
_pdbx_struct_oper_list.matrix[2][3] 
_pdbx_struct_oper_list.vector[2] 
_pdbx_struct_oper_list.matrix[3][1] 
_pdbx_struct_oper_list.matrix[3][2] 
_pdbx_struct_oper_list.matrix[3][3] 
_pdbx_struct_oper_list.vector[3] 
1 'identity operation'         1_555 x,y,z       1.0000000000  0.0000000000 0.0000000000  0.0000000000  0.0000000000 1.0000000000 0.0000000000  0.0000000000 0.0000000000  0.0000000000  1.0000000000  0.0000000000 
2 'crystal symmetry operation' 2_656 -x+1,y,-z+1 -0.7602109033 0.6428881285 -0.0936708960 -0.1614368856 0.6428881285 0.7236194282 -0.2511369693 0.1038450788 -0.0936708960 -0.2511369693 -0.9634085249 0.2994522803 
# 
loop_
_struct_conn.id 
_struct_conn.conn_type_id 
_struct_conn.pdbx_leaving_atom_flag 
_struct_conn.pdbx_PDB_id 
_struct_conn.ptnr1_label_asym_id 
_struct_conn.ptnr1_label_comp_id 
_struct_conn.ptnr1_label_seq_id 
_struct_conn.ptnr1_label_atom_id 
_struct_conn.pdbx_ptnr1_label_alt_id 
_struct_conn.pdbx_ptnr1_PDB_ins_code 
_struct_conn.pdbx_ptnr1_standard_comp_id 
_struct_conn.ptnr1_symmetry 
_struct_conn.ptnr2_label_asym_id 
_struct_conn.ptnr2_label_comp_id 
_struct_conn.ptnr2_label_seq_id 
_struct_conn.ptnr2_label_atom_id 
_struct_conn.pdbx_ptnr2_label_alt_id 
_struct_conn.pdbx_ptnr2_PDB_ins_code 
_struct_conn.ptnr1_auth_asym_id 
_struct_conn.ptnr1_auth_comp_id 
_struct_conn.ptnr1_auth_seq_id 
_struct_conn.ptnr2_auth_asym_id 
_struct_conn.ptnr2_auth_comp_id 
_struct_conn.ptnr2_auth_seq_id 
_struct_conn.ptnr2_symmetry 
_struct_conn.pdbx_ptnr3_label_atom_id 
_struct_conn.pdbx_ptnr3_label_seq_id 
_struct_conn.pdbx_ptnr3_label_comp_id 
_struct_conn.pdbx_ptnr3_label_asym_id 
_struct_conn.pdbx_ptnr3_label_alt_id 
_struct_conn.pdbx_ptnr3_PDB_ins_code 
_struct_conn.details 
_struct_conn.pdbx_dist_value 
_struct_conn.pdbx_value_order 
_struct_conn.pdbx_role 
covale1  covale both ? A DG  4  "O3'" ? ? ? 1_555 A 5CM 5  P  ? ? A DG  4  A 5CM 5  1_555 ? ? ? ? ? ? ?            1.558 ? ? 
covale2  covale both ? A 5CM 5  "O3'" ? ? ? 1_555 A DG  6  P  ? ? A 5CM 5  A DG  6  1_555 ? ? ? ? ? ? ?            1.607 ? ? 
hydrog1  hydrog ?    ? A DC  1  N3    ? ? ? 1_555 A DG  10 N1 ? ? A DC  1  A DG  10 2_656 ? ? ? ? ? ? WATSON-CRICK ?     ? ? 
hydrog2  hydrog ?    ? A DC  1  N4    ? ? ? 1_555 A DG  10 O6 ? ? A DC  1  A DG  10 2_656 ? ? ? ? ? ? WATSON-CRICK ?     ? ? 
hydrog3  hydrog ?    ? A DC  1  O2    ? ? ? 1_555 A DG  10 N2 ? ? A DC  1  A DG  10 2_656 ? ? ? ? ? ? WATSON-CRICK ?     ? ? 
hydrog4  hydrog ?    ? A DC  2  N3    ? ? ? 1_555 A DG  9  N1 ? ? A DC  2  A DG  9  2_656 ? ? ? ? ? ? WATSON-CRICK ?     ? ? 
hydrog5  hydrog ?    ? A DC  2  N4    ? ? ? 1_555 A DG  9  O6 ? ? A DC  2  A DG  9  2_656 ? ? ? ? ? ? WATSON-CRICK ?     ? ? 
hydrog6  hydrog ?    ? A DC  2  O2    ? ? ? 1_555 A DG  9  N2 ? ? A DC  2  A DG  9  2_656 ? ? ? ? ? ? WATSON-CRICK ?     ? ? 
hydrog7  hydrog ?    ? A DA  3  N1    ? ? ? 1_555 A DT  8  N3 ? ? A DA  3  A DT  8  2_656 ? ? ? ? ? ? WATSON-CRICK ?     ? ? 
hydrog8  hydrog ?    ? A DA  3  N6    ? ? ? 1_555 A DT  8  O4 ? ? A DA  3  A DT  8  2_656 ? ? ? ? ? ? WATSON-CRICK ?     ? ? 
hydrog9  hydrog ?    ? A DG  4  N1    ? ? ? 1_555 A DC  7  N3 ? ? A DG  4  A DC  7  2_656 ? ? ? ? ? ? WATSON-CRICK ?     ? ? 
hydrog10 hydrog ?    ? A DG  4  N2    ? ? ? 1_555 A DC  7  O2 ? ? A DG  4  A DC  7  2_656 ? ? ? ? ? ? WATSON-CRICK ?     ? ? 
hydrog11 hydrog ?    ? A DG  4  O6    ? ? ? 1_555 A DC  7  N4 ? ? A DG  4  A DC  7  2_656 ? ? ? ? ? ? WATSON-CRICK ?     ? ? 
hydrog12 hydrog ?    ? A 5CM 5  N3    ? ? ? 1_555 A DG  6  N1 ? ? A 5CM 5  A DG  6  2_656 ? ? ? ? ? ? WATSON-CRICK ?     ? ? 
hydrog13 hydrog ?    ? A 5CM 5  N4    ? ? ? 1_555 A DG  6  O6 ? ? A 5CM 5  A DG  6  2_656 ? ? ? ? ? ? WATSON-CRICK ?     ? ? 
hydrog14 hydrog ?    ? A 5CM 5  O2    ? ? ? 1_555 A DG  6  N2 ? ? A 5CM 5  A DG  6  2_656 ? ? ? ? ? ? WATSON-CRICK ?     ? ? 
hydrog15 hydrog ?    ? A DG  6  N1    ? ? ? 1_555 A 5CM 5  N3 ? ? A DG  6  A 5CM 5  2_656 ? ? ? ? ? ? WATSON-CRICK ?     ? ? 
hydrog16 hydrog ?    ? A DG  6  N2    ? ? ? 1_555 A 5CM 5  O2 ? ? A DG  6  A 5CM 5  2_656 ? ? ? ? ? ? WATSON-CRICK ?     ? ? 
hydrog17 hydrog ?    ? A DG  6  O6    ? ? ? 1_555 A 5CM 5  N4 ? ? A DG  6  A 5CM 5  2_656 ? ? ? ? ? ? WATSON-CRICK ?     ? ? 
hydrog18 hydrog ?    ? A DC  7  N3    ? ? ? 1_555 A DG  4  N1 ? ? A DC  7  A DG  4  2_656 ? ? ? ? ? ? WATSON-CRICK ?     ? ? 
hydrog19 hydrog ?    ? A DC  7  N4    ? ? ? 1_555 A DG  4  O6 ? ? A DC  7  A DG  4  2_656 ? ? ? ? ? ? WATSON-CRICK ?     ? ? 
hydrog20 hydrog ?    ? A DC  7  O2    ? ? ? 1_555 A DG  4  N2 ? ? A DC  7  A DG  4  2_656 ? ? ? ? ? ? WATSON-CRICK ?     ? ? 
hydrog21 hydrog ?    ? A DT  8  N3    ? ? ? 1_555 A DA  3  N1 ? ? A DT  8  A DA  3  2_656 ? ? ? ? ? ? WATSON-CRICK ?     ? ? 
hydrog22 hydrog ?    ? A DT  8  O4    ? ? ? 1_555 A DA  3  N6 ? ? A DT  8  A DA  3  2_656 ? ? ? ? ? ? WATSON-CRICK ?     ? ? 
hydrog23 hydrog ?    ? A DG  9  N1    ? ? ? 1_555 A DC  2  N3 ? ? A DG  9  A DC  2  2_656 ? ? ? ? ? ? WATSON-CRICK ?     ? ? 
hydrog24 hydrog ?    ? A DG  9  N2    ? ? ? 1_555 A DC  2  O2 ? ? A DG  9  A DC  2  2_656 ? ? ? ? ? ? WATSON-CRICK ?     ? ? 
hydrog25 hydrog ?    ? A DG  9  O6    ? ? ? 1_555 A DC  2  N4 ? ? A DG  9  A DC  2  2_656 ? ? ? ? ? ? WATSON-CRICK ?     ? ? 
hydrog26 hydrog ?    ? A DG  10 N1    ? ? ? 1_555 A DC  1  N3 ? ? A DG  10 A DC  1  2_656 ? ? ? ? ? ? WATSON-CRICK ?     ? ? 
hydrog27 hydrog ?    ? A DG  10 N2    ? ? ? 1_555 A DC  1  O2 ? ? A DG  10 A DC  1  2_656 ? ? ? ? ? ? WATSON-CRICK ?     ? ? 
hydrog28 hydrog ?    ? A DG  10 O6    ? ? ? 1_555 A DC  1  N4 ? ? A DG  10 A DC  1  2_656 ? ? ? ? ? ? WATSON-CRICK ?     ? ? 
# 
loop_
_struct_conn_type.id 
_struct_conn_type.criteria 
_struct_conn_type.reference 
covale ? ? 
hydrog ? ? 
# 
loop_
_pdbx_validate_rmsd_angle.id 
_pdbx_validate_rmsd_angle.PDB_model_num 
_pdbx_validate_rmsd_angle.auth_atom_id_1 
_pdbx_validate_rmsd_angle.auth_asym_id_1 
_pdbx_validate_rmsd_angle.auth_comp_id_1 
_pdbx_validate_rmsd_angle.auth_seq_id_1 
_pdbx_validate_rmsd_angle.PDB_ins_code_1 
_pdbx_validate_rmsd_angle.label_alt_id_1 
_pdbx_validate_rmsd_angle.auth_atom_id_2 
_pdbx_validate_rmsd_angle.auth_asym_id_2 
_pdbx_validate_rmsd_angle.auth_comp_id_2 
_pdbx_validate_rmsd_angle.auth_seq_id_2 
_pdbx_validate_rmsd_angle.PDB_ins_code_2 
_pdbx_validate_rmsd_angle.label_alt_id_2 
_pdbx_validate_rmsd_angle.auth_atom_id_3 
_pdbx_validate_rmsd_angle.auth_asym_id_3 
_pdbx_validate_rmsd_angle.auth_comp_id_3 
_pdbx_validate_rmsd_angle.auth_seq_id_3 
_pdbx_validate_rmsd_angle.PDB_ins_code_3 
_pdbx_validate_rmsd_angle.label_alt_id_3 
_pdbx_validate_rmsd_angle.angle_value 
_pdbx_validate_rmsd_angle.angle_target_value 
_pdbx_validate_rmsd_angle.angle_deviation 
_pdbx_validate_rmsd_angle.angle_standard_deviation 
_pdbx_validate_rmsd_angle.linker_flag 
1 1 "C3'" A DG 4 ? ? "O3'" A DG  4 ? ? P     A 5CM 5 ? ? 132.32 119.70 12.62  1.20 Y 
2 1 "O3'" A DG 4 ? ? P     A 5CM 5 ? ? "O5'" A 5CM 5 ? ? 74.86  104.00 -29.14 1.90 Y 
3 1 "O3'" A DG 4 ? ? P     A 5CM 5 ? ? OP1   A 5CM 5 ? ? 55.04  105.20 -50.16 2.20 Y 
# 
loop_
_chem_comp_atom.comp_id 
_chem_comp_atom.atom_id 
_chem_comp_atom.type_symbol 
_chem_comp_atom.pdbx_aromatic_flag 
_chem_comp_atom.pdbx_stereo_config 
_chem_comp_atom.pdbx_ordinal 
5CM N1     N N N 1   
5CM C2     C N N 2   
5CM N3     N N N 3   
5CM C4     C N N 4   
5CM C5     C N N 5   
5CM C5A    C N N 6   
5CM C6     C N N 7   
5CM O2     O N N 8   
5CM N4     N N N 9   
5CM "C1'"  C N R 10  
5CM "C2'"  C N N 11  
5CM "C3'"  C N S 12  
5CM "C4'"  C N R 13  
5CM "O4'"  O N N 14  
5CM "O3'"  O N N 15  
5CM "C5'"  C N N 16  
5CM "O5'"  O N N 17  
5CM P      P N N 18  
5CM OP1    O N N 19  
5CM OP2    O N N 20  
5CM OP3    O N N 21  
5CM H5A1   H N N 22  
5CM H5A2   H N N 23  
5CM H5A3   H N N 24  
5CM H6     H N N 25  
5CM HN41   H N N 26  
5CM HN42   H N N 27  
5CM "H1'"  H N N 28  
5CM "H2'"  H N N 29  
5CM "H2''" H N N 30  
5CM "H3'"  H N N 31  
5CM "H4'"  H N N 32  
5CM "HO3'" H N N 33  
5CM "H5'"  H N N 34  
5CM "H5''" H N N 35  
5CM HOP2   H N N 36  
5CM HOP3   H N N 37  
DA  OP3    O N N 38  
DA  P      P N N 39  
DA  OP1    O N N 40  
DA  OP2    O N N 41  
DA  "O5'"  O N N 42  
DA  "C5'"  C N N 43  
DA  "C4'"  C N R 44  
DA  "O4'"  O N N 45  
DA  "C3'"  C N S 46  
DA  "O3'"  O N N 47  
DA  "C2'"  C N N 48  
DA  "C1'"  C N R 49  
DA  N9     N Y N 50  
DA  C8     C Y N 51  
DA  N7     N Y N 52  
DA  C5     C Y N 53  
DA  C6     C Y N 54  
DA  N6     N N N 55  
DA  N1     N Y N 56  
DA  C2     C Y N 57  
DA  N3     N Y N 58  
DA  C4     C Y N 59  
DA  HOP3   H N N 60  
DA  HOP2   H N N 61  
DA  "H5'"  H N N 62  
DA  "H5''" H N N 63  
DA  "H4'"  H N N 64  
DA  "H3'"  H N N 65  
DA  "HO3'" H N N 66  
DA  "H2'"  H N N 67  
DA  "H2''" H N N 68  
DA  "H1'"  H N N 69  
DA  H8     H N N 70  
DA  H61    H N N 71  
DA  H62    H N N 72  
DA  H2     H N N 73  
DC  OP3    O N N 74  
DC  P      P N N 75  
DC  OP1    O N N 76  
DC  OP2    O N N 77  
DC  "O5'"  O N N 78  
DC  "C5'"  C N N 79  
DC  "C4'"  C N R 80  
DC  "O4'"  O N N 81  
DC  "C3'"  C N S 82  
DC  "O3'"  O N N 83  
DC  "C2'"  C N N 84  
DC  "C1'"  C N R 85  
DC  N1     N N N 86  
DC  C2     C N N 87  
DC  O2     O N N 88  
DC  N3     N N N 89  
DC  C4     C N N 90  
DC  N4     N N N 91  
DC  C5     C N N 92  
DC  C6     C N N 93  
DC  HOP3   H N N 94  
DC  HOP2   H N N 95  
DC  "H5'"  H N N 96  
DC  "H5''" H N N 97  
DC  "H4'"  H N N 98  
DC  "H3'"  H N N 99  
DC  "HO3'" H N N 100 
DC  "H2'"  H N N 101 
DC  "H2''" H N N 102 
DC  "H1'"  H N N 103 
DC  H41    H N N 104 
DC  H42    H N N 105 
DC  H5     H N N 106 
DC  H6     H N N 107 
DG  OP3    O N N 108 
DG  P      P N N 109 
DG  OP1    O N N 110 
DG  OP2    O N N 111 
DG  "O5'"  O N N 112 
DG  "C5'"  C N N 113 
DG  "C4'"  C N R 114 
DG  "O4'"  O N N 115 
DG  "C3'"  C N S 116 
DG  "O3'"  O N N 117 
DG  "C2'"  C N N 118 
DG  "C1'"  C N R 119 
DG  N9     N Y N 120 
DG  C8     C Y N 121 
DG  N7     N Y N 122 
DG  C5     C Y N 123 
DG  C6     C N N 124 
DG  O6     O N N 125 
DG  N1     N N N 126 
DG  C2     C N N 127 
DG  N2     N N N 128 
DG  N3     N N N 129 
DG  C4     C Y N 130 
DG  HOP3   H N N 131 
DG  HOP2   H N N 132 
DG  "H5'"  H N N 133 
DG  "H5''" H N N 134 
DG  "H4'"  H N N 135 
DG  "H3'"  H N N 136 
DG  "HO3'" H N N 137 
DG  "H2'"  H N N 138 
DG  "H2''" H N N 139 
DG  "H1'"  H N N 140 
DG  H8     H N N 141 
DG  H1     H N N 142 
DG  H21    H N N 143 
DG  H22    H N N 144 
DT  OP3    O N N 145 
DT  P      P N N 146 
DT  OP1    O N N 147 
DT  OP2    O N N 148 
DT  "O5'"  O N N 149 
DT  "C5'"  C N N 150 
DT  "C4'"  C N R 151 
DT  "O4'"  O N N 152 
DT  "C3'"  C N S 153 
DT  "O3'"  O N N 154 
DT  "C2'"  C N N 155 
DT  "C1'"  C N R 156 
DT  N1     N N N 157 
DT  C2     C N N 158 
DT  O2     O N N 159 
DT  N3     N N N 160 
DT  C4     C N N 161 
DT  O4     O N N 162 
DT  C5     C N N 163 
DT  C7     C N N 164 
DT  C6     C N N 165 
DT  HOP3   H N N 166 
DT  HOP2   H N N 167 
DT  "H5'"  H N N 168 
DT  "H5''" H N N 169 
DT  "H4'"  H N N 170 
DT  "H3'"  H N N 171 
DT  "HO3'" H N N 172 
DT  "H2'"  H N N 173 
DT  "H2''" H N N 174 
DT  "H1'"  H N N 175 
DT  H3     H N N 176 
DT  H71    H N N 177 
DT  H72    H N N 178 
DT  H73    H N N 179 
DT  H6     H N N 180 
HOH O      O N N 181 
HOH H1     H N N 182 
HOH H2     H N N 183 
# 
loop_
_chem_comp_bond.comp_id 
_chem_comp_bond.atom_id_1 
_chem_comp_bond.atom_id_2 
_chem_comp_bond.value_order 
_chem_comp_bond.pdbx_aromatic_flag 
_chem_comp_bond.pdbx_stereo_config 
_chem_comp_bond.pdbx_ordinal 
5CM N1    C2     sing N N 1   
5CM N1    C6     sing N N 2   
5CM N1    "C1'"  sing N N 3   
5CM C2    N3     sing N N 4   
5CM C2    O2     doub N N 5   
5CM N3    C4     doub N N 6   
5CM C4    C5     sing N N 7   
5CM C4    N4     sing N N 8   
5CM C5    C5A    sing N N 9   
5CM C5    C6     doub N N 10  
5CM C5A   H5A1   sing N N 11  
5CM C5A   H5A2   sing N N 12  
5CM C5A   H5A3   sing N N 13  
5CM C6    H6     sing N N 14  
5CM N4    HN41   sing N N 15  
5CM N4    HN42   sing N N 16  
5CM "C1'" "C2'"  sing N N 17  
5CM "C1'" "O4'"  sing N N 18  
5CM "C1'" "H1'"  sing N N 19  
5CM "C2'" "C3'"  sing N N 20  
5CM "C2'" "H2'"  sing N N 21  
5CM "C2'" "H2''" sing N N 22  
5CM "C3'" "C4'"  sing N N 23  
5CM "C3'" "O3'"  sing N N 24  
5CM "C3'" "H3'"  sing N N 25  
5CM "C4'" "O4'"  sing N N 26  
5CM "C4'" "C5'"  sing N N 27  
5CM "C4'" "H4'"  sing N N 28  
5CM "O3'" "HO3'" sing N N 29  
5CM "C5'" "O5'"  sing N N 30  
5CM "C5'" "H5'"  sing N N 31  
5CM "C5'" "H5''" sing N N 32  
5CM "O5'" P      sing N N 33  
5CM P     OP1    doub N N 34  
5CM P     OP2    sing N N 35  
5CM P     OP3    sing N N 36  
5CM OP2   HOP2   sing N N 37  
5CM OP3   HOP3   sing N N 38  
DA  OP3   P      sing N N 39  
DA  OP3   HOP3   sing N N 40  
DA  P     OP1    doub N N 41  
DA  P     OP2    sing N N 42  
DA  P     "O5'"  sing N N 43  
DA  OP2   HOP2   sing N N 44  
DA  "O5'" "C5'"  sing N N 45  
DA  "C5'" "C4'"  sing N N 46  
DA  "C5'" "H5'"  sing N N 47  
DA  "C5'" "H5''" sing N N 48  
DA  "C4'" "O4'"  sing N N 49  
DA  "C4'" "C3'"  sing N N 50  
DA  "C4'" "H4'"  sing N N 51  
DA  "O4'" "C1'"  sing N N 52  
DA  "C3'" "O3'"  sing N N 53  
DA  "C3'" "C2'"  sing N N 54  
DA  "C3'" "H3'"  sing N N 55  
DA  "O3'" "HO3'" sing N N 56  
DA  "C2'" "C1'"  sing N N 57  
DA  "C2'" "H2'"  sing N N 58  
DA  "C2'" "H2''" sing N N 59  
DA  "C1'" N9     sing N N 60  
DA  "C1'" "H1'"  sing N N 61  
DA  N9    C8     sing Y N 62  
DA  N9    C4     sing Y N 63  
DA  C8    N7     doub Y N 64  
DA  C8    H8     sing N N 65  
DA  N7    C5     sing Y N 66  
DA  C5    C6     sing Y N 67  
DA  C5    C4     doub Y N 68  
DA  C6    N6     sing N N 69  
DA  C6    N1     doub Y N 70  
DA  N6    H61    sing N N 71  
DA  N6    H62    sing N N 72  
DA  N1    C2     sing Y N 73  
DA  C2    N3     doub Y N 74  
DA  C2    H2     sing N N 75  
DA  N3    C4     sing Y N 76  
DC  OP3   P      sing N N 77  
DC  OP3   HOP3   sing N N 78  
DC  P     OP1    doub N N 79  
DC  P     OP2    sing N N 80  
DC  P     "O5'"  sing N N 81  
DC  OP2   HOP2   sing N N 82  
DC  "O5'" "C5'"  sing N N 83  
DC  "C5'" "C4'"  sing N N 84  
DC  "C5'" "H5'"  sing N N 85  
DC  "C5'" "H5''" sing N N 86  
DC  "C4'" "O4'"  sing N N 87  
DC  "C4'" "C3'"  sing N N 88  
DC  "C4'" "H4'"  sing N N 89  
DC  "O4'" "C1'"  sing N N 90  
DC  "C3'" "O3'"  sing N N 91  
DC  "C3'" "C2'"  sing N N 92  
DC  "C3'" "H3'"  sing N N 93  
DC  "O3'" "HO3'" sing N N 94  
DC  "C2'" "C1'"  sing N N 95  
DC  "C2'" "H2'"  sing N N 96  
DC  "C2'" "H2''" sing N N 97  
DC  "C1'" N1     sing N N 98  
DC  "C1'" "H1'"  sing N N 99  
DC  N1    C2     sing N N 100 
DC  N1    C6     sing N N 101 
DC  C2    O2     doub N N 102 
DC  C2    N3     sing N N 103 
DC  N3    C4     doub N N 104 
DC  C4    N4     sing N N 105 
DC  C4    C5     sing N N 106 
DC  N4    H41    sing N N 107 
DC  N4    H42    sing N N 108 
DC  C5    C6     doub N N 109 
DC  C5    H5     sing N N 110 
DC  C6    H6     sing N N 111 
DG  OP3   P      sing N N 112 
DG  OP3   HOP3   sing N N 113 
DG  P     OP1    doub N N 114 
DG  P     OP2    sing N N 115 
DG  P     "O5'"  sing N N 116 
DG  OP2   HOP2   sing N N 117 
DG  "O5'" "C5'"  sing N N 118 
DG  "C5'" "C4'"  sing N N 119 
DG  "C5'" "H5'"  sing N N 120 
DG  "C5'" "H5''" sing N N 121 
DG  "C4'" "O4'"  sing N N 122 
DG  "C4'" "C3'"  sing N N 123 
DG  "C4'" "H4'"  sing N N 124 
DG  "O4'" "C1'"  sing N N 125 
DG  "C3'" "O3'"  sing N N 126 
DG  "C3'" "C2'"  sing N N 127 
DG  "C3'" "H3'"  sing N N 128 
DG  "O3'" "HO3'" sing N N 129 
DG  "C2'" "C1'"  sing N N 130 
DG  "C2'" "H2'"  sing N N 131 
DG  "C2'" "H2''" sing N N 132 
DG  "C1'" N9     sing N N 133 
DG  "C1'" "H1'"  sing N N 134 
DG  N9    C8     sing Y N 135 
DG  N9    C4     sing Y N 136 
DG  C8    N7     doub Y N 137 
DG  C8    H8     sing N N 138 
DG  N7    C5     sing Y N 139 
DG  C5    C6     sing N N 140 
DG  C5    C4     doub Y N 141 
DG  C6    O6     doub N N 142 
DG  C6    N1     sing N N 143 
DG  N1    C2     sing N N 144 
DG  N1    H1     sing N N 145 
DG  C2    N2     sing N N 146 
DG  C2    N3     doub N N 147 
DG  N2    H21    sing N N 148 
DG  N2    H22    sing N N 149 
DG  N3    C4     sing N N 150 
DT  OP3   P      sing N N 151 
DT  OP3   HOP3   sing N N 152 
DT  P     OP1    doub N N 153 
DT  P     OP2    sing N N 154 
DT  P     "O5'"  sing N N 155 
DT  OP2   HOP2   sing N N 156 
DT  "O5'" "C5'"  sing N N 157 
DT  "C5'" "C4'"  sing N N 158 
DT  "C5'" "H5'"  sing N N 159 
DT  "C5'" "H5''" sing N N 160 
DT  "C4'" "O4'"  sing N N 161 
DT  "C4'" "C3'"  sing N N 162 
DT  "C4'" "H4'"  sing N N 163 
DT  "O4'" "C1'"  sing N N 164 
DT  "C3'" "O3'"  sing N N 165 
DT  "C3'" "C2'"  sing N N 166 
DT  "C3'" "H3'"  sing N N 167 
DT  "O3'" "HO3'" sing N N 168 
DT  "C2'" "C1'"  sing N N 169 
DT  "C2'" "H2'"  sing N N 170 
DT  "C2'" "H2''" sing N N 171 
DT  "C1'" N1     sing N N 172 
DT  "C1'" "H1'"  sing N N 173 
DT  N1    C2     sing N N 174 
DT  N1    C6     sing N N 175 
DT  C2    O2     doub N N 176 
DT  C2    N3     sing N N 177 
DT  N3    C4     sing N N 178 
DT  N3    H3     sing N N 179 
DT  C4    O4     doub N N 180 
DT  C4    C5     sing N N 181 
DT  C5    C7     sing N N 182 
DT  C5    C6     doub N N 183 
DT  C7    H71    sing N N 184 
DT  C7    H72    sing N N 185 
DT  C7    H73    sing N N 186 
DT  C6    H6     sing N N 187 
HOH O     H1     sing N N 188 
HOH O     H2     sing N N 189 
# 
loop_
_ndb_struct_conf_na.entry_id 
_ndb_struct_conf_na.feature 
6JV5 'b-form double helix'  
6JV5 'mismatched base pair' 
# 
loop_
_ndb_struct_na_base_pair.model_number 
_ndb_struct_na_base_pair.i_label_asym_id 
_ndb_struct_na_base_pair.i_label_comp_id 
_ndb_struct_na_base_pair.i_label_seq_id 
_ndb_struct_na_base_pair.i_symmetry 
_ndb_struct_na_base_pair.j_label_asym_id 
_ndb_struct_na_base_pair.j_label_comp_id 
_ndb_struct_na_base_pair.j_label_seq_id 
_ndb_struct_na_base_pair.j_symmetry 
_ndb_struct_na_base_pair.shear 
_ndb_struct_na_base_pair.stretch 
_ndb_struct_na_base_pair.stagger 
_ndb_struct_na_base_pair.buckle 
_ndb_struct_na_base_pair.propeller 
_ndb_struct_na_base_pair.opening 
_ndb_struct_na_base_pair.pair_number 
_ndb_struct_na_base_pair.pair_name 
_ndb_struct_na_base_pair.i_auth_asym_id 
_ndb_struct_na_base_pair.i_auth_seq_id 
_ndb_struct_na_base_pair.i_PDB_ins_code 
_ndb_struct_na_base_pair.j_auth_asym_id 
_ndb_struct_na_base_pair.j_auth_seq_id 
_ndb_struct_na_base_pair.j_PDB_ins_code 
_ndb_struct_na_base_pair.hbond_type_28 
_ndb_struct_na_base_pair.hbond_type_12 
1 A DC  1  1_555 A DG  10 2_656 0.161  -0.096 -0.011 -6.738 -8.840  1.610  1  A_DC1:DG10_A A 1  ? A 10 ? 19 1 
1 A DC  2  1_555 A DG  9  2_656 0.469  -0.158 0.174  2.855  -10.222 0.983  2  A_DC2:DG9_A  A 2  ? A 9  ? 19 1 
1 A DA  3  1_555 A DT  8  2_656 -0.024 -0.117 0.336  -3.184 -11.751 1.832  3  A_DA3:DT8_A  A 3  ? A 8  ? 20 1 
1 A DG  4  1_555 A DC  7  2_656 -0.175 -0.137 0.361  2.934  -11.952 0.460  4  A_DG4:DC7_A  A 4  ? A 7  ? 19 1 
1 A 5CM 5  1_555 A DG  6  2_656 0.179  -0.068 0.043  1.730  -4.704  -1.420 5  A_5CM5:DG6_A A 5  ? A 6  ? 19 1 
1 A DG  6  1_555 A 5CM 5  2_656 -0.179 -0.068 0.043  -1.730 -4.704  -1.420 6  A_DG6:5CM5_A A 6  ? A 5  ? 19 1 
1 A DC  7  1_555 A DG  4  2_656 0.175  -0.137 0.361  -2.934 -11.952 0.460  7  A_DC7:DG4_A  A 7  ? A 4  ? 19 1 
1 A DT  8  1_555 A DA  3  2_656 0.024  -0.117 0.336  3.184  -11.751 1.832  8  A_DT8:DA3_A  A 8  ? A 3  ? 20 1 
1 A DG  9  1_555 A DC  2  2_656 -0.469 -0.158 0.174  -2.855 -10.222 0.983  9  A_DG9:DC2_A  A 9  ? A 2  ? 19 1 
1 A DG  10 1_555 A DC  1  2_656 -0.161 -0.096 -0.011 6.738  -8.840  1.610  10 A_DG10:DC1_A A 10 ? A 1  ? 19 1 
# 
loop_
_ndb_struct_na_base_pair_step.model_number 
_ndb_struct_na_base_pair_step.i_label_asym_id_1 
_ndb_struct_na_base_pair_step.i_label_comp_id_1 
_ndb_struct_na_base_pair_step.i_label_seq_id_1 
_ndb_struct_na_base_pair_step.i_symmetry_1 
_ndb_struct_na_base_pair_step.j_label_asym_id_1 
_ndb_struct_na_base_pair_step.j_label_comp_id_1 
_ndb_struct_na_base_pair_step.j_label_seq_id_1 
_ndb_struct_na_base_pair_step.j_symmetry_1 
_ndb_struct_na_base_pair_step.i_label_asym_id_2 
_ndb_struct_na_base_pair_step.i_label_comp_id_2 
_ndb_struct_na_base_pair_step.i_label_seq_id_2 
_ndb_struct_na_base_pair_step.i_symmetry_2 
_ndb_struct_na_base_pair_step.j_label_asym_id_2 
_ndb_struct_na_base_pair_step.j_label_comp_id_2 
_ndb_struct_na_base_pair_step.j_label_seq_id_2 
_ndb_struct_na_base_pair_step.j_symmetry_2 
_ndb_struct_na_base_pair_step.shift 
_ndb_struct_na_base_pair_step.slide 
_ndb_struct_na_base_pair_step.rise 
_ndb_struct_na_base_pair_step.tilt 
_ndb_struct_na_base_pair_step.roll 
_ndb_struct_na_base_pair_step.twist 
_ndb_struct_na_base_pair_step.x_displacement 
_ndb_struct_na_base_pair_step.y_displacement 
_ndb_struct_na_base_pair_step.helical_rise 
_ndb_struct_na_base_pair_step.inclination 
_ndb_struct_na_base_pair_step.tip 
_ndb_struct_na_base_pair_step.helical_twist 
_ndb_struct_na_base_pair_step.step_number 
_ndb_struct_na_base_pair_step.step_name 
_ndb_struct_na_base_pair_step.i_auth_asym_id_1 
_ndb_struct_na_base_pair_step.i_auth_seq_id_1 
_ndb_struct_na_base_pair_step.i_PDB_ins_code_1 
_ndb_struct_na_base_pair_step.j_auth_asym_id_1 
_ndb_struct_na_base_pair_step.j_auth_seq_id_1 
_ndb_struct_na_base_pair_step.j_PDB_ins_code_1 
_ndb_struct_na_base_pair_step.i_auth_asym_id_2 
_ndb_struct_na_base_pair_step.i_auth_seq_id_2 
_ndb_struct_na_base_pair_step.i_PDB_ins_code_2 
_ndb_struct_na_base_pair_step.j_auth_asym_id_2 
_ndb_struct_na_base_pair_step.j_auth_seq_id_2 
_ndb_struct_na_base_pair_step.j_PDB_ins_code_2 
1 A DC  1 1_555 A DG  10 2_656 A DC  2  1_555 A DG  9 2_656 -0.626 0.875 3.211 0.562  6.664  30.082 0.334  1.289  3.312 12.643  
-1.066 30.799 1 AA_DC1DC2:DG9DG10_AA  A 1 ? A 10 ? A 2  ? A 9 ? 
1 A DC  2 1_555 A DG  9  2_656 A DA  3  1_555 A DT  8 2_656 0.195  2.576 3.418 -1.155 -8.463 48.962 3.678  -0.316 2.957 -10.121 
1.382  49.657 2 AA_DC2DA3:DT8DG9_AA   A 2 ? A 9  ? A 3  ? A 8 ? 
1 A DA  3 1_555 A DT  8  2_656 A DG  4  1_555 A DC  7 2_656 0.114  0.004 3.210 -1.072 5.490  28.919 -1.144 -0.450 3.151 10.865  
2.121  29.444 3 AA_DA3DG4:DC7DT8_AA   A 3 ? A 8  ? A 4  ? A 7 ? 
1 A DG  4 1_555 A DC  7  2_656 A 5CM 5  1_555 A DG  6 2_656 0.899  0.263 3.394 4.623  3.333  34.071 -0.104 -0.757 3.491 5.639   
-7.822 34.530 4 AA_DG45CM5:DG6DC7_AA  A 4 ? A 7  ? A 5  ? A 6 ? 
1 A 5CM 5 1_555 A DG  6  2_656 A DG  6  1_555 A 5CM 5 2_656 0.000  0.752 3.529 0.000  1.142  34.607 1.073  0.000  3.552 1.919   
0.000  34.626 5 AA_5CM5DG6:5CM5DG6_AA A 5 ? A 6  ? A 6  ? A 5 ? 
1 A DG  6 1_555 A 5CM 5  2_656 A DC  7  1_555 A DG  4 2_656 -0.899 0.263 3.394 -4.623 3.333  34.071 -0.104 0.757  3.491 5.639   
7.822  34.530 6 AA_DG6DC7:DG45CM5_AA  A 6 ? A 5  ? A 7  ? A 4 ? 
1 A DC  7 1_555 A DG  4  2_656 A DT  8  1_555 A DA  3 2_656 -0.114 0.004 3.210 1.072  5.490  28.919 -1.144 0.450  3.151 10.865  
-2.121 29.444 7 AA_DC7DT8:DA3DG4_AA   A 7 ? A 4  ? A 8  ? A 3 ? 
1 A DT  8 1_555 A DA  3  2_656 A DG  9  1_555 A DC  2 2_656 -0.195 2.576 3.418 1.155  -8.463 48.962 3.678  0.316  2.957 -10.121 
-1.382 49.657 8 AA_DT8DG9:DC2DA3_AA   A 8 ? A 3  ? A 9  ? A 2 ? 
1 A DG  9 1_555 A DC  2  2_656 A DG  10 1_555 A DC  1 2_656 0.626  0.875 3.211 -0.562 6.664  30.082 0.334  -1.289 3.312 12.643  
1.066  30.799 9 AA_DG9DG10:DC1DC2_AA  A 9 ? A 2  ? A 10 ? A 1 ? 
# 
loop_
_pdbx_audit_support.funding_organization 
_pdbx_audit_support.country 
_pdbx_audit_support.grant_number 
_pdbx_audit_support.ordinal 
'National Natural Science Foundation of China' China 21572133 1 
'National Natural Science Foundation of China' China 21722802 2 
# 
_pdbx_entity_instance_feature.ordinal        1 
_pdbx_entity_instance_feature.comp_id        5CM 
_pdbx_entity_instance_feature.asym_id        ? 
_pdbx_entity_instance_feature.seq_num        ? 
_pdbx_entity_instance_feature.auth_comp_id   5CM 
_pdbx_entity_instance_feature.auth_asym_id   ? 
_pdbx_entity_instance_feature.auth_seq_num   ? 
_pdbx_entity_instance_feature.feature_type   'SUBJECT OF INVESTIGATION' 
_pdbx_entity_instance_feature.details        ? 
# 
_atom_sites.entry_id                    6JV5 
_atom_sites.fract_transf_matrix[1][1]   -0.01405438 
_atom_sites.fract_transf_matrix[1][2]   0.00972280 
_atom_sites.fract_transf_matrix[1][3]   0.03075221 
_atom_sites.fract_transf_matrix[2][1]   -0.01342719 
_atom_sites.fract_transf_matrix[2][2]   -0.03599905 
_atom_sites.fract_transf_matrix[2][3]   0.00524518 
_atom_sites.fract_transf_matrix[3][1]   0.01913222 
_atom_sites.fract_transf_matrix[3][2]   -0.00333942 
_atom_sites.fract_transf_matrix[3][3]   0.02605746 
_atom_sites.fract_transf_vector[1]      0.493763 
_atom_sites.fract_transf_vector[2]      0.561329 
_atom_sites.fract_transf_vector[3]      0.497822 
# 
loop_
_atom_type.symbol 
C 
N 
O 
P 
# 
loop_
_atom_site.group_PDB 
_atom_site.id 
_atom_site.type_symbol 
_atom_site.label_atom_id 
_atom_site.label_alt_id 
_atom_site.label_comp_id 
_atom_site.label_asym_id 
_atom_site.label_entity_id 
_atom_site.label_seq_id 
_atom_site.pdbx_PDB_ins_code 
_atom_site.Cartn_x 
_atom_site.Cartn_y 
_atom_site.Cartn_z 
_atom_site.occupancy 
_atom_site.B_iso_or_equiv 
_atom_site.pdbx_formal_charge 
_atom_site.auth_seq_id 
_atom_site.auth_comp_id 
_atom_site.auth_asym_id 
_atom_site.auth_atom_id 
_atom_site.pdbx_PDB_model_num 
ATOM   1   O "O5'" . DC  A 1 1  ? -18.761 5.084   -1.569  1.00 28.08 ? 1   DC  A "O5'" 1 
ATOM   2   C "C5'" . DC  A 1 1  ? -17.600 4.379   -1.141  1.00 25.20 ? 1   DC  A "C5'" 1 
ATOM   3   C "C4'" . DC  A 1 1  ? -17.365 3.152   -2.005  1.00 22.46 ? 1   DC  A "C4'" 1 
ATOM   4   O "O4'" . DC  A 1 1  ? -16.821 3.556   -3.286  1.00 22.29 ? 1   DC  A "O4'" 1 
ATOM   5   C "C3'" . DC  A 1 1  ? -16.361 2.158   -1.452  1.00 19.90 ? 1   DC  A "C3'" 1 
ATOM   6   O "O3'" . DC  A 1 1  ? -16.634 0.872   -1.997  1.00 17.80 ? 1   DC  A "O3'" 1 
ATOM   7   C "C2'" . DC  A 1 1  ? -15.042 2.724   -1.972  1.00 19.37 ? 1   DC  A "C2'" 1 
ATOM   8   C "C1'" . DC  A 1 1  ? -15.448 3.200   -3.364  1.00 18.62 ? 1   DC  A "C1'" 1 
ATOM   9   N N1    . DC  A 1 1  ? -14.696 4.393   -3.866  1.00 15.63 ? 1   DC  A N1    1 
ATOM   10  C C2    . DC  A 1 1  ? -14.090 4.345   -5.127  1.00 15.05 ? 1   DC  A C2    1 
ATOM   11  O O2    . DC  A 1 1  ? -14.161 3.304   -5.787  1.00 15.72 ? 1   DC  A O2    1 
ATOM   12  N N3    . DC  A 1 1  ? -13.435 5.440   -5.585  1.00 13.71 ? 1   DC  A N3    1 
ATOM   13  C C4    . DC  A 1 1  ? -13.380 6.544   -4.843  1.00 13.32 ? 1   DC  A C4    1 
ATOM   14  N N4    . DC  A 1 1  ? -12.721 7.598   -5.337  1.00 13.16 ? 1   DC  A N4    1 
ATOM   15  C C5    . DC  A 1 1  ? -13.997 6.618   -3.559  1.00 13.75 ? 1   DC  A C5    1 
ATOM   16  C C6    . DC  A 1 1  ? -14.643 5.531   -3.117  1.00 14.34 ? 1   DC  A C6    1 
ATOM   17  P P     . DC  A 1 2  ? -16.339 -0.457  -1.145  1.00 15.19 ? 2   DC  A P     1 
ATOM   18  O OP1   . DC  A 1 2  ? -17.431 -1.414  -1.435  1.00 17.59 ? 2   DC  A OP1   1 
ATOM   19  O OP2   . DC  A 1 2  ? -16.057 -0.062  0.250   1.00 15.68 ? 2   DC  A OP2   1 
ATOM   20  O "O5'" . DC  A 1 2  ? -14.975 -1.013  -1.766  1.00 13.12 ? 2   DC  A "O5'" 1 
ATOM   21  C "C5'" . DC  A 1 2  ? -14.976 -1.619  -3.048  1.00 12.29 ? 2   DC  A "C5'" 1 
ATOM   22  C "C4'" . DC  A 1 2  ? -13.558 -1.850  -3.538  1.00 11.61 ? 2   DC  A "C4'" 1 
ATOM   23  O "O4'" . DC  A 1 2  ? -12.972 -0.587  -3.946  1.00 11.16 ? 2   DC  A "O4'" 1 
ATOM   24  C "C3'" . DC  A 1 2  ? -12.590 -2.433  -2.504  1.00 11.61 ? 2   DC  A "C3'" 1 
ATOM   25  O "O3'" . DC  A 1 2  ? -11.669 -3.282  -3.165  1.00 11.60 ? 2   DC  A "O3'" 1 
ATOM   26  C "C2'" . DC  A 1 2  ? -11.879 -1.181  -1.994  1.00 10.70 ? 2   DC  A "C2'" 1 
ATOM   27  C "C1'" . DC  A 1 2  ? -11.723 -0.443  -3.308  1.00 10.40 ? 2   DC  A "C1'" 1 
ATOM   28  N N1    . DC  A 1 2  ? -11.431 1.003   -3.193  1.00 9.29  ? 2   DC  A N1    1 
ATOM   29  C C2    . DC  A 1 2  ? -10.875 1.661   -4.289  1.00 9.94  ? 2   DC  A C2    1 
ATOM   30  O O2    . DC  A 1 2  ? -10.618 1.009   -5.310  1.00 12.18 ? 2   DC  A O2    1 
ATOM   31  N N3    . DC  A 1 2  ? -10.623 2.990   -4.202  1.00 10.17 ? 2   DC  A N3    1 
ATOM   32  C C4    . DC  A 1 2  ? -10.917 3.650   -3.082  1.00 9.70  ? 2   DC  A C4    1 
ATOM   33  N N4    . DC  A 1 2  ? -10.652 4.961   -3.047  1.00 10.64 ? 2   DC  A N4    1 
ATOM   34  C C5    . DC  A 1 2  ? -11.497 2.996   -1.951  1.00 9.90  ? 2   DC  A C5    1 
ATOM   35  C C6    . DC  A 1 2  ? -11.739 1.682   -2.052  1.00 9.51  ? 2   DC  A C6    1 
ATOM   36  P P     . DA  A 1 3  ? -11.827 -4.881  -3.130  1.00 14.27 ? 3   DA  A P     1 
ATOM   37  O OP1   . DA  A 1 3  ? -13.235 -5.212  -3.433  1.00 17.06 ? 3   DA  A OP1   1 
ATOM   38  O OP2   . DA  A 1 3  ? -11.209 -5.375  -1.878  1.00 15.39 ? 3   DA  A OP2   1 
ATOM   39  O "O5'" . DA  A 1 3  ? -10.914 -5.355  -4.353  1.00 12.83 ? 3   DA  A "O5'" 1 
ATOM   40  C "C5'" . DA  A 1 3  ? -11.347 -5.105  -5.683  1.00 12.04 ? 3   DA  A "C5'" 1 
ATOM   41  C "C4'" . DA  A 1 3  ? -10.183 -4.742  -6.598  1.00 12.17 ? 3   DA  A "C4'" 1 
ATOM   42  O "O4'" . DA  A 1 3  ? -9.669  -3.424  -6.281  1.00 12.34 ? 3   DA  A "O4'" 1 
ATOM   43  C "C3'" . DA  A 1 3  ? -8.985  -5.670  -6.567  1.00 12.21 ? 3   DA  A "C3'" 1 
ATOM   44  O "O3'" . DA  A 1 3  ? -8.433  -5.704  -7.876  1.00 13.41 ? 3   DA  A "O3'" 1 
ATOM   45  C "C2'" . DA  A 1 3  ? -8.052  -4.988  -5.551  1.00 11.84 ? 3   DA  A "C2'" 1 
ATOM   46  C "C1'" . DA  A 1 3  ? -8.337  -3.506  -5.793  1.00 11.35 ? 3   DA  A "C1'" 1 
ATOM   47  N N9    . DA  A 1 3  ? -8.295  -2.660  -4.601  1.00 11.01 ? 3   DA  A N9    1 
ATOM   48  C C8    . DA  A 1 3  ? -8.691  -2.993  -3.336  1.00 11.76 ? 3   DA  A C8    1 
ATOM   49  N N7    . DA  A 1 3  ? -8.605  -2.002  -2.477  1.00 10.97 ? 3   DA  A N7    1 
ATOM   50  C C5    . DA  A 1 3  ? -8.143  -0.940  -3.236  1.00 10.80 ? 3   DA  A C5    1 
ATOM   51  C C6    . DA  A 1 3  ? -7.843  0.400   -2.914  1.00 11.45 ? 3   DA  A C6    1 
ATOM   52  N N6    . DA  A 1 3  ? -7.973  0.908   -1.686  1.00 12.95 ? 3   DA  A N6    1 
ATOM   53  N N1    . DA  A 1 3  ? -7.402  1.199   -3.909  1.00 10.83 ? 3   DA  A N1    1 
ATOM   54  C C2    . DA  A 1 3  ? -7.272  0.684   -5.138  1.00 11.85 ? 3   DA  A C2    1 
ATOM   55  N N3    . DA  A 1 3  ? -7.524  -0.554  -5.561  1.00 11.87 ? 3   DA  A N3    1 
ATOM   56  C C4    . DA  A 1 3  ? -7.960  -1.325  -4.550  1.00 11.21 ? 3   DA  A C4    1 
ATOM   57  P P     . DG  A 1 4  ? -7.141  -6.588  -8.224  1.00 14.84 ? 4   DG  A P     1 
ATOM   58  O OP1   . DG  A 1 4  ? -7.251  -6.949  -9.652  1.00 16.25 ? 4   DG  A OP1   1 
ATOM   59  O OP2   . DG  A 1 4  ? -6.977  -7.639  -7.196  1.00 17.00 ? 4   DG  A OP2   1 
ATOM   60  O "O5'" . DG  A 1 4  ? -5.932  -5.559  -8.065  1.00 14.81 ? 4   DG  A "O5'" 1 
ATOM   61  C "C5'" . DG  A 1 4  ? -5.881  -4.393  -8.879  1.00 13.99 ? 4   DG  A "C5'" 1 
ATOM   62  C "C4'" . DG  A 1 4  ? -4.657  -3.564  -8.544  1.00 15.25 ? 4   DG  A "C4'" 1 
ATOM   63  O "O4'" . DG  A 1 4  ? -4.914  -2.783  -7.350  1.00 15.70 ? 4   DG  A "O4'" 1 
ATOM   64  C "C3'" . DG  A 1 4  ? -3.388  -4.379  -8.256  1.00 17.88 ? 4   DG  A "C3'" 1 
ATOM   65  O "O3'" . DG  A 1 4  ? -2.284  -3.847  -8.988  1.00 19.83 ? 4   DG  A "O3'" 1 
ATOM   66  C "C2'" . DG  A 1 4  ? -3.193  -4.214  -6.748  1.00 18.40 ? 4   DG  A "C2'" 1 
ATOM   67  C "C1'" . DG  A 1 4  ? -3.776  -2.832  -6.529  1.00 17.63 ? 4   DG  A "C1'" 1 
ATOM   68  N N9    . DG  A 1 4  ? -4.184  -2.569  -5.154  1.00 16.87 ? 4   DG  A N9    1 
ATOM   69  C C8    . DG  A 1 4  ? -4.688  -3.468  -4.246  1.00 15.97 ? 4   DG  A C8    1 
ATOM   70  N N7    . DG  A 1 4  ? -4.971  -2.934  -3.090  1.00 15.72 ? 4   DG  A N7    1 
ATOM   71  C C5    . DG  A 1 4  ? -4.635  -1.593  -3.244  1.00 14.20 ? 4   DG  A C5    1 
ATOM   72  C C6    . DG  A 1 4  ? -4.722  -0.514  -2.328  1.00 14.12 ? 4   DG  A C6    1 
ATOM   73  O O6    . DG  A 1 4  ? -5.129  -0.528  -1.156  1.00 13.33 ? 4   DG  A O6    1 
ATOM   74  N N1    . DG  A 1 4  ? -4.277  0.677   -2.896  1.00 13.89 ? 4   DG  A N1    1 
ATOM   75  C C2    . DG  A 1 4  ? -3.809  0.810   -4.182  1.00 12.95 ? 4   DG  A C2    1 
ATOM   76  N N2    . DG  A 1 4  ? -3.424  2.038   -4.554  1.00 14.77 ? 4   DG  A N2    1 
ATOM   77  N N3    . DG  A 1 4  ? -3.724  -0.190  -5.045  1.00 14.42 ? 4   DG  A N3    1 
ATOM   78  C C4    . DG  A 1 4  ? -4.151  -1.356  -4.510  1.00 14.42 ? 4   DG  A C4    1 
HETATM 79  N N1    . 5CM A 1 5  ? -0.303  -2.194  -4.170  1.00 20.91 ? 5   5CM A N1    1 
HETATM 80  C C2    . 5CM A 1 5  ? -0.638  -1.306  -3.218  1.00 18.98 ? 5   5CM A C2    1 
HETATM 81  N N3    . 5CM A 1 5  ? -1.355  -1.716  -2.086  1.00 17.49 ? 5   5CM A N3    1 
HETATM 82  C C4    . 5CM A 1 5  ? -1.723  -3.056  -1.964  1.00 17.96 ? 5   5CM A C4    1 
HETATM 83  C C5    . 5CM A 1 5  ? -1.386  -3.976  -2.947  1.00 18.97 ? 5   5CM A C5    1 
HETATM 84  C C5A   . 5CM A 1 5  ? -1.753  -5.313  -2.828  1.00 19.97 ? 5   5CM A C5A   1 
HETATM 85  C C6    . 5CM A 1 5  ? -0.676  -3.542  -4.057  1.00 19.83 ? 5   5CM A C6    1 
HETATM 86  O O2    . 5CM A 1 5  ? -0.310  -0.127  -3.331  1.00 18.47 ? 5   5CM A O2    1 
HETATM 87  N N4    . 5CM A 1 5  ? -2.404  -3.513  -0.919  1.00 19.69 ? 5   5CM A N4    1 
HETATM 88  C "C1'" . 5CM A 1 5  ? 0.454   -1.752  -5.364  1.00 23.38 ? 5   5CM A "C1'" 1 
HETATM 89  C "C2'" . 5CM A 1 5  ? 1.320   -2.855  -5.926  1.00 24.36 ? 5   5CM A "C2'" 1 
HETATM 90  C "C3'" . 5CM A 1 5  ? 1.743   -2.169  -7.205  1.00 24.75 ? 5   5CM A "C3'" 1 
HETATM 91  C "C4'" . 5CM A 1 5  ? 0.460   -1.444  -7.597  1.00 24.65 ? 5   5CM A "C4'" 1 
HETATM 92  O "O4'" . 5CM A 1 5  ? -0.430  -1.608  -6.465  1.00 23.94 ? 5   5CM A "O4'" 1 
HETATM 93  O "O3'" . 5CM A 1 5  ? 2.727   -1.189  -6.893  1.00 24.62 ? 5   5CM A "O3'" 1 
HETATM 94  C "C5'" . 5CM A 1 5  ? -0.202  -2.130  -8.786  1.00 24.21 ? 5   5CM A "C5'" 1 
HETATM 95  O "O5'" . 5CM A 1 5  ? -0.484  -3.481  -8.435  1.00 23.59 ? 5   5CM A "O5'" 1 
HETATM 96  P P     . 5CM A 1 5  ? -0.990  -4.501  -9.557  1.00 20.33 ? 5   5CM A P     1 
HETATM 97  O OP1   . 5CM A 1 5  ? -2.052  -3.872  -10.374 1.00 25.54 ? 5   5CM A OP1   1 
HETATM 98  O OP2   . 5CM A 1 5  ? -1.201  -5.849  -8.976  1.00 19.55 ? 5   5CM A OP2   1 
ATOM   99  P P     . DG  A 1 6  ? 3.836   -0.779  -7.981  1.00 24.53 ? 6   DG  A P     1 
ATOM   100 O OP1   . DG  A 1 6  ? 3.139   -0.335  -9.207  1.00 26.16 ? 6   DG  A OP1   1 
ATOM   101 O OP2   . DG  A 1 6  ? 4.828   -1.875  -8.044  1.00 26.76 ? 6   DG  A OP2   1 
ATOM   102 O "O5'" . DG  A 1 6  ? 4.552   0.485   -7.324  1.00 24.45 ? 6   DG  A "O5'" 1 
ATOM   103 C "C5'" . DG  A 1 6  ? 3.777   1.597   -6.901  1.00 24.49 ? 6   DG  A "C5'" 1 
ATOM   104 C "C4'" . DG  A 1 6  ? 4.158   2.014   -5.494  1.00 26.12 ? 6   DG  A "C4'" 1 
ATOM   105 O "O4'" . DG  A 1 6  ? 3.343   1.297   -4.525  1.00 26.02 ? 6   DG  A "O4'" 1 
ATOM   106 C "C3'" . DG  A 1 6  ? 5.612   1.733   -5.097  1.00 28.64 ? 6   DG  A "C3'" 1 
ATOM   107 O "O3'" . DG  A 1 6  ? 6.058   2.768   -4.263  1.00 30.81 ? 6   DG  A "O3'" 1 
ATOM   108 C "C2'" . DG  A 1 6  ? 5.480   0.442   -4.301  1.00 27.56 ? 6   DG  A "C2'" 1 
ATOM   109 C "C1'" . DG  A 1 6  ? 4.199   0.749   -3.552  1.00 25.19 ? 6   DG  A "C1'" 1 
ATOM   110 N N9    . DG  A 1 6  ? 3.562   -0.411  -2.938  1.00 24.43 ? 6   DG  A N9    1 
ATOM   111 C C8    . DG  A 1 6  ? 3.516   -1.694  -3.427  1.00 24.33 ? 6   DG  A C8    1 
ATOM   112 N N7    . DG  A 1 6  ? 2.875   -2.522  -2.648  1.00 23.39 ? 6   DG  A N7    1 
ATOM   113 C C5    . DG  A 1 6  ? 2.473   -1.736  -1.573  1.00 21.91 ? 6   DG  A C5    1 
ATOM   114 C C6    . DG  A 1 6  ? 1.742   -2.082  -0.412  1.00 20.40 ? 6   DG  A C6    1 
ATOM   115 O O6    . DG  A 1 6  ? 1.286   -3.189  -0.092  1.00 21.30 ? 6   DG  A O6    1 
ATOM   116 N N1    . DG  A 1 6  ? 1.551   -0.983  0.423   1.00 18.90 ? 6   DG  A N1    1 
ATOM   117 C C2    . DG  A 1 6  ? 2.010   0.287   0.168   1.00 18.48 ? 6   DG  A C2    1 
ATOM   118 N N2    . DG  A 1 6  ? 1.729   1.217   1.093   1.00 18.12 ? 6   DG  A N2    1 
ATOM   119 N N3    . DG  A 1 6  ? 2.697   0.624   -0.915  1.00 20.08 ? 6   DG  A N3    1 
ATOM   120 C C4    . DG  A 1 6  ? 2.891   -0.436  -1.739  1.00 21.56 ? 6   DG  A C4    1 
ATOM   121 P P     . DC  A 1 7  ? 7.453   3.514   -4.530  1.00 27.07 ? 7   DC  A P     1 
ATOM   122 O OP1   . DC  A 1 7  ? 7.243   4.444   -5.660  0.76 35.25 ? 7   DC  A OP1   1 
ATOM   123 O OP2   . DC  A 1 7  ? 8.536   2.508   -4.598  1.00 26.56 ? 7   DC  A OP2   1 
ATOM   124 O "O5'" . DC  A 1 7  ? 7.639   4.365   -3.195  1.00 23.09 ? 7   DC  A "O5'" 1 
ATOM   125 C "C5'" . DC  A 1 7  ? 6.539   5.112   -2.698  1.00 20.28 ? 7   DC  A "C5'" 1 
ATOM   126 C "C4'" . DC  A 1 7  ? 6.436   4.999   -1.189  0.89 16.78 ? 7   DC  A "C4'" 1 
ATOM   127 O "O4'" . DC  A 1 7  ? 5.813   3.747   -0.813  1.00 16.18 ? 7   DC  A "O4'" 1 
ATOM   128 C "C3'" . DC  A 1 7  ? 7.761   5.066   -0.437  1.00 15.54 ? 7   DC  A "C3'" 1 
ATOM   129 O "O3'" . DC  A 1 7  ? 7.637   6.032   0.583   1.00 13.15 ? 7   DC  A "O3'" 1 
ATOM   130 C "C2'" . DC  A 1 7  ? 7.940   3.643   0.126   1.00 15.01 ? 7   DC  A "C2'" 1 
ATOM   131 C "C1'" . DC  A 1 7  ? 6.497   3.195   0.288   1.00 14.33 ? 7   DC  A "C1'" 1 
ATOM   132 N N1    . DC  A 1 7  ? 6.275   1.718   0.236   1.00 14.39 ? 7   DC  A N1    1 
ATOM   133 C C2    . DC  A 1 7  ? 5.599   1.078   1.283   1.00 14.88 ? 7   DC  A C2    1 
ATOM   134 O O2    . DC  A 1 7  ? 5.241   1.739   2.266   1.00 15.70 ? 7   DC  A O2    1 
ATOM   135 N N3    . DC  A 1 7  ? 5.366   -0.256  1.197   1.00 14.03 ? 7   DC  A N3    1 
ATOM   136 C C4    . DC  A 1 7  ? 5.767   -0.936  0.121   1.00 13.63 ? 7   DC  A C4    1 
ATOM   137 N N4    . DC  A 1 7  ? 5.517   -2.250  0.081   1.00 13.51 ? 7   DC  A N4    1 
ATOM   138 C C5    . DC  A 1 7  ? 6.443   -0.300  -0.961  1.00 13.58 ? 7   DC  A C5    1 
ATOM   139 C C6    . DC  A 1 7  ? 6.664   1.015   -0.867  1.00 14.46 ? 7   DC  A C6    1 
ATOM   140 P P     . DT  A 1 8  ? 8.931   6.684   1.265   1.00 13.19 ? 8   DT  A P     1 
ATOM   141 O OP1   . DT  A 1 8  ? 8.599   8.097   1.550   1.00 14.04 ? 8   DT  A OP1   1 
ATOM   142 O OP2   . DT  A 1 8  ? 10.125  6.354   0.460   1.00 13.15 ? 8   DT  A OP2   1 
ATOM   143 O "O5'" . DT  A 1 8  ? 9.055   5.886   2.638   1.00 12.60 ? 8   DT  A "O5'" 1 
ATOM   144 C "C5'" . DT  A 1 8  ? 7.997   5.941   3.583   1.00 12.05 ? 8   DT  A "C5'" 1 
ATOM   145 C "C4'" . DT  A 1 8  ? 8.235   4.957   4.707   1.00 11.37 ? 8   DT  A "C4'" 1 
ATOM   146 O "O4'" . DT  A 1 8  ? 7.881   3.619   4.269   1.00 11.39 ? 8   DT  A "O4'" 1 
ATOM   147 C "C3'" . DT  A 1 8  ? 9.689   4.861   5.193   1.00 11.53 ? 8   DT  A "C3'" 1 
ATOM   148 O "O3'" . DT  A 1 8  ? 9.702   4.734   6.598   1.00 11.99 ? 8   DT  A "O3'" 1 
ATOM   149 C "C2'" . DT  A 1 8  ? 10.168  3.569   4.537   1.00 11.84 ? 8   DT  A "C2'" 1 
ATOM   150 C "C1'" . DT  A 1 8  ? 8.905   2.749   4.671   1.00 11.43 ? 8   DT  A "C1'" 1 
ATOM   151 N N1    . DT  A 1 8  ? 8.855   1.529   3.836   1.00 10.71 ? 8   DT  A N1    1 
ATOM   152 C C2    . DT  A 1 8  ? 8.174   0.442   4.316   1.00 9.54  ? 8   DT  A C2    1 
ATOM   153 O O2    . DT  A 1 8  ? 7.621   0.431   5.399   1.00 9.92  ? 8   DT  A O2    1 
ATOM   154 N N3    . DT  A 1 8  ? 8.166   -0.643  3.485   1.00 9.22  ? 8   DT  A N3    1 
ATOM   155 C C4    . DT  A 1 8  ? 8.756   -0.742  2.242   1.00 9.78  ? 8   DT  A C4    1 
ATOM   156 O O4    . DT  A 1 8  ? 8.687   -1.764  1.567   1.00 10.83 ? 8   DT  A O4    1 
ATOM   157 C C5    . DT  A 1 8  ? 9.455   0.441   1.792   1.00 10.16 ? 8   DT  A C5    1 
ATOM   158 C C7    . DT  A 1 8  ? 10.139  0.451   0.457   1.00 11.38 ? 8   DT  A C7    1 
ATOM   159 C C6    . DT  A 1 8  ? 9.472   1.509   2.605   1.00 11.05 ? 8   DT  A C6    1 
ATOM   160 P P     . DG  A 1 9  ? 10.003  5.995   7.543   1.00 14.17 ? 9   DG  A P     1 
ATOM   161 O OP1   . DG  A 1 9  ? 9.108   7.098   7.127   1.00 14.99 ? 9   DG  A OP1   1 
ATOM   162 O OP2   . DG  A 1 9  ? 11.467  6.194   7.585   1.00 15.94 ? 9   DG  A OP2   1 
ATOM   163 O "O5'" . DG  A 1 9  ? 9.545   5.479   8.985   1.00 12.88 ? 9   DG  A "O5'" 1 
ATOM   164 C "C5'" . DG  A 1 9  ? 8.174   5.205   9.228   1.00 11.89 ? 9   DG  A "C5'" 1 
ATOM   165 C "C4'" . DG  A 1 9  ? 7.995   4.069   10.228  1.00 11.65 ? 9   DG  A "C4'" 1 
ATOM   166 O "O4'" . DG  A 1 9  ? 8.233   2.787   9.599   1.00 11.05 ? 9   DG  A "O4'" 1 
ATOM   167 C "C3'" . DG  A 1 9  ? 8.898   4.096   11.442  1.00 11.86 ? 9   DG  A "C3'" 1 
ATOM   168 O "O3'" . DG  A 1 9  ? 8.191   3.516   12.527  1.00 12.08 ? 9   DG  A "O3'" 1 
ATOM   169 C "C2'" . DG  A 1 9  ? 10.093  3.233   10.999  1.00 11.96 ? 9   DG  A "C2'" 1 
ATOM   170 C "C1'" . DG  A 1 9  ? 9.427   2.196   10.094  1.00 10.80 ? 9   DG  A "C1'" 1 
ATOM   171 N N9    . DG  A 1 9  ? 10.187  1.821   8.912   1.00 11.11 ? 9   DG  A N9    1 
ATOM   172 C C8    . DG  A 1 9  ? 11.055  2.605   8.191   1.00 11.05 ? 9   DG  A C8    1 
ATOM   173 N N7    . DG  A 1 9  ? 11.523  2.012   7.125   1.00 10.79 ? 9   DG  A N7    1 
ATOM   174 C C5    . DG  A 1 9  ? 10.900  0.770   7.126   1.00 9.41  ? 9   DG  A C5    1 
ATOM   175 C C6    . DG  A 1 9  ? 11.013  -0.313  6.219   1.00 8.75  ? 9   DG  A C6    1 
ATOM   176 O O6    . DG  A 1 9  ? 11.704  -0.388  5.195   1.00 9.93  ? 9   DG  A O6    1 
ATOM   177 N N1    . DG  A 1 9  ? 10.209  -1.388  6.595   1.00 9.25  ? 9   DG  A N1    1 
ATOM   178 C C2    . DG  A 1 9  ? 9.404   -1.414  7.707   1.00 9.48  ? 9   DG  A C2    1 
ATOM   179 N N2    . DG  A 1 9  ? 8.704   -2.537  7.909   1.00 8.52  ? 9   DG  A N2    1 
ATOM   180 N N3    . DG  A 1 9  ? 9.291   -0.408  8.563   1.00 9.66  ? 9   DG  A N3    1 
ATOM   181 C C4    . DG  A 1 9  ? 10.067  0.646   8.211   1.00 10.55 ? 9   DG  A C4    1 
ATOM   182 P P     . DG  A 1 10 ? 8.714   3.667   14.033  1.00 15.14 ? 10  DG  A P     1 
ATOM   183 O OP1   . DG  A 1 10 ? 7.517   3.620   14.902  1.00 17.55 ? 10  DG  A OP1   1 
ATOM   184 O OP2   . DG  A 1 10 ? 9.638   4.821   14.099  1.00 17.47 ? 10  DG  A OP2   1 
ATOM   185 O "O5'" . DG  A 1 10 ? 9.561   2.333   14.261  1.00 14.37 ? 10  DG  A "O5'" 1 
ATOM   186 C "C5'" . DG  A 1 10 ? 8.902   1.071   14.265  1.00 14.38 ? 10  DG  A "C5'" 1 
ATOM   187 C "C4'" . DG  A 1 10 ? 9.898   -0.054  14.060  1.00 14.93 ? 10  DG  A "C4'" 1 
ATOM   188 O "O4'" . DG  A 1 10 ? 10.394  -0.014  12.710  1.00 14.13 ? 10  DG  A "O4'" 1 
ATOM   189 C "C3'" . DG  A 1 10 ? 11.138  0.016   14.955  1.00 18.73 ? 10  DG  A "C3'" 1 
ATOM   190 O "O3'" . DG  A 1 10 ? 11.058  -0.970  15.976  1.00 25.34 ? 10  DG  A "O3'" 1 
ATOM   191 C "C2'" . DG  A 1 10 ? 12.322  -0.252  14.005  1.00 14.32 ? 10  DG  A "C2'" 1 
ATOM   192 C "C1'" . DG  A 1 10 ? 11.644  -0.640  12.694  1.00 12.34 ? 10  DG  A "C1'" 1 
ATOM   193 N N9    . DG  A 1 10 ? 12.371  -0.205  11.507  1.00 10.91 ? 10  DG  A N9    1 
ATOM   194 C C8    . DG  A 1 10 ? 13.009  0.999   11.319  1.00 9.81  ? 10  DG  A C8    1 
ATOM   195 N N7    . DG  A 1 10 ? 13.584  1.105   10.153  1.00 9.84  ? 10  DG  A N7    1 
ATOM   196 C C5    . DG  A 1 10 ? 13.311  -0.107  9.527   1.00 10.05 ? 10  DG  A C5    1 
ATOM   197 C C6    . DG  A 1 10 ? 13.676  -0.576  8.240   1.00 11.78 ? 10  DG  A C6    1 
ATOM   198 O O6    . DG  A 1 10 ? 14.333  0.007   7.367   1.00 12.39 ? 10  DG  A O6    1 
ATOM   199 N N1    . DG  A 1 10 ? 13.192  -1.860  8.004   1.00 12.63 ? 10  DG  A N1    1 
ATOM   200 C C2    . DG  A 1 10 ? 12.452  -2.598  8.895   1.00 11.51 ? 10  DG  A C2    1 
ATOM   201 N N2    . DG  A 1 10 ? 12.077  -3.820  8.488   1.00 12.54 ? 10  DG  A N2    1 
ATOM   202 N N3    . DG  A 1 10 ? 12.105  -2.172  10.102  1.00 10.98 ? 10  DG  A N3    1 
ATOM   203 C C4    . DG  A 1 10 ? 12.565  -0.922  10.348  1.00 11.27 ? 10  DG  A C4    1 
HETATM 204 O O     . HOH B 2 .  ? -20.726 4.140   -2.042  1.00 39.64 ? 101 HOH A O     1 
HETATM 205 O O     . HOH B 2 .  ? -17.998 -3.603  -1.293  1.00 39.29 ? 102 HOH A O     1 
HETATM 206 O O     . HOH B 2 .  ? -8.023  -9.513  -6.310  1.00 22.20 ? 103 HOH A O     1 
HETATM 207 O O     . HOH B 2 .  ? 11.455  5.944   13.125  1.00 26.11 ? 104 HOH A O     1 
HETATM 208 O O     . HOH B 2 .  ? -1.860  -4.067  -12.708 1.00 36.07 ? 105 HOH A O     1 
HETATM 209 O O     . HOH B 2 .  ? 9.023   -2.192  16.687  1.00 50.08 ? 106 HOH A O     1 
HETATM 210 O O     . HOH B 2 .  ? 2.812   -5.004  -2.958  1.00 38.41 ? 107 HOH A O     1 
HETATM 211 O O     . HOH B 2 .  ? 9.668   1.424   -2.608  1.00 26.86 ? 108 HOH A O     1 
HETATM 212 O O     . HOH B 2 .  ? -0.589  -6.781  -6.680  1.00 26.83 ? 109 HOH A O     1 
HETATM 213 O O     . HOH B 2 .  ? -5.568  -1.841  1.022   1.00 32.95 ? 110 HOH A O     1 
HETATM 214 O O     . HOH B 2 .  ? 14.039  2.405   6.428   1.00 11.14 ? 111 HOH A O     1 
HETATM 215 O O     . HOH B 2 .  ? -11.152 -4.309  0.491   1.00 22.93 ? 112 HOH A O     1 
HETATM 216 O O     . HOH B 2 .  ? -15.279 -5.919  -1.976  1.00 24.74 ? 113 HOH A O     1 
HETATM 217 O O     . HOH B 2 .  ? 9.981   -2.853  -0.468  1.00 18.55 ? 114 HOH A O     1 
HETATM 218 O O     . HOH B 2 .  ? 9.955   8.955   5.406   1.00 30.07 ? 115 HOH A O     1 
HETATM 219 O O     . HOH B 2 .  ? -13.515 0.568   0.819   1.00 27.51 ? 116 HOH A O     1 
HETATM 220 O O     . HOH B 2 .  ? 10.542  9.935   1.327   1.00 19.74 ? 117 HOH A O     1 
HETATM 221 O O     . HOH B 2 .  ? 6.501   1.783   7.447   1.00 23.47 ? 118 HOH A O     1 
HETATM 222 O O     . HOH B 2 .  ? -5.248  -7.179  -11.449 1.00 18.25 ? 119 HOH A O     1 
HETATM 223 O O     . HOH B 2 .  ? -8.369  -2.532  0.166   1.00 27.16 ? 120 HOH A O     1 
HETATM 224 O O     . HOH B 2 .  ? 7.079   -0.609  10.131  1.00 30.81 ? 121 HOH A O     1 
HETATM 225 O O     . HOH B 2 .  ? 1.220   1.253   -10.305 1.00 30.25 ? 122 HOH A O     1 
HETATM 226 O O     . HOH B 2 .  ? -12.313 -7.582  -0.725  1.00 18.72 ? 123 HOH A O     1 
HETATM 227 O O     . HOH B 2 .  ? 12.492  7.718   0.607   1.00 18.88 ? 124 HOH A O     1 
HETATM 228 O O     . HOH B 2 .  ? -11.225 -1.211  -6.867  1.00 15.76 ? 125 HOH A O     1 
HETATM 229 O O     . HOH B 2 .  ? 11.438  4.061   1.340   1.00 13.34 ? 126 HOH A O     1 
HETATM 230 O O     . HOH B 2 .  ? -3.887  0.434   -7.774  1.00 34.09 ? 127 HOH A O     1 
HETATM 231 O O     . HOH B 2 .  ? 8.145   9.785   3.746   1.00 37.71 ? 128 HOH A O     1 
HETATM 232 O O     . HOH B 2 .  ? -6.277  -4.216  -0.939  1.00 26.57 ? 129 HOH A O     1 
HETATM 233 O O     . HOH B 2 .  ? 6.319   7.386   6.719   1.00 20.14 ? 130 HOH A O     1 
HETATM 234 O O     . HOH B 2 .  ? 13.377  4.850   5.973   1.00 19.94 ? 131 HOH A O     1 
HETATM 235 O O     . HOH B 2 .  ? -2.967  -7.778  -10.093 1.00 14.92 ? 132 HOH A O     1 
HETATM 236 O O     . HOH B 2 .  ? 13.303  1.759   4.227   1.00 14.79 ? 133 HOH A O     1 
HETATM 237 O O     . HOH B 2 .  ? 10.387  6.616   -2.365  1.00 27.04 ? 134 HOH A O     1 
HETATM 238 O O     . HOH B 2 .  ? -3.478  -5.734  0.529   1.00 26.31 ? 135 HOH A O     1 
HETATM 239 O O     . HOH B 2 .  ? -11.536 6.183   -0.608  1.00 15.08 ? 136 HOH A O     1 
HETATM 240 O O     . HOH B 2 .  ? 14.643  3.278   8.584   1.00 25.91 ? 137 HOH A O     1 
HETATM 241 O O     . HOH B 2 .  ? -18.219 -1.536  -4.224  1.00 24.23 ? 138 HOH A O     1 
HETATM 242 O O     . HOH B 2 .  ? 0.096   2.400   -4.721  1.00 32.11 ? 139 HOH A O     1 
HETATM 243 O O     . HOH B 2 .  ? -14.839 0.477   -6.147  1.00 25.94 ? 140 HOH A O     1 
HETATM 244 O O     . HOH B 2 .  ? 2.921   3.507   -1.496  1.00 34.20 ? 141 HOH A O     1 
HETATM 245 O O     . HOH B 2 .  ? -9.172  -0.102  0.825   1.00 21.65 ? 142 HOH A O     1 
HETATM 246 O O     . HOH B 2 .  ? 8.415   6.404   16.284  1.00 21.08 ? 143 HOH A O     1 
HETATM 247 O O     . HOH B 2 .  ? -5.146  -6.775  -5.016  1.00 19.07 ? 144 HOH A O     1 
HETATM 248 O O     . HOH B 2 .  ? 6.623   -4.022  -2.051  1.00 24.95 ? 145 HOH A O     1 
HETATM 249 O O     . HOH B 2 .  ? -7.219  -0.724  -8.532  1.00 26.68 ? 146 HOH A O     1 
HETATM 250 O O     . HOH B 2 .  ? 9.472   -2.998  11.263  1.00 21.62 ? 147 HOH A O     1 
HETATM 251 O O     . HOH B 2 .  ? -4.294  -8.800  -7.849  1.00 20.39 ? 148 HOH A O     1 
HETATM 252 O O     . HOH B 2 .  ? 16.367  1.549   5.794   1.00 22.87 ? 149 HOH A O     1 
HETATM 253 O O     . HOH B 2 .  ? 13.295  5.353   9.812   1.00 30.27 ? 150 HOH A O     1 
HETATM 254 O O     . HOH B 2 .  ? 5.306   1.594   13.937  1.00 36.29 ? 151 HOH A O     1 
HETATM 255 O O     . HOH B 2 .  ? -18.795 3.009   -5.820  1.00 21.95 ? 152 HOH A O     1 
HETATM 256 O O     . HOH B 2 .  ? 5.705   1.415   11.467  1.00 30.87 ? 153 HOH A O     1 
HETATM 257 O O     . HOH B 2 .  ? -11.789 -8.594  -3.502  1.00 23.59 ? 154 HOH A O     1 
HETATM 258 O O     . HOH B 2 .  ? -17.494 0.749   -5.359  1.00 23.55 ? 155 HOH A O     1 
HETATM 259 O O     . HOH B 2 .  ? -4.594  -4.874  -12.751 1.00 29.41 ? 156 HOH A O     1 
HETATM 260 O O     . HOH B 2 .  ? 7.608   -2.332  12.687  1.00 31.83 ? 157 HOH A O     1 
HETATM 261 O O     . HOH B 2 .  ? -14.765 -8.591  -2.419  1.00 28.41 ? 158 HOH A O     1 
HETATM 262 O O     . HOH B 2 .  ? 13.168  4.468   12.507  1.00 24.28 ? 159 HOH A O     1 
HETATM 263 O O     . HOH B 2 .  ? 12.887  5.405   3.327   1.00 20.12 ? 160 HOH A O     1 
HETATM 264 O O     . HOH B 2 .  ? -12.765 -8.640  -5.478  1.00 37.68 ? 161 HOH A O     1 
HETATM 265 O O     . HOH B 2 .  ? -16.825 -3.337  2.301   1.00 29.50 ? 162 HOH A O     1 
HETATM 266 O O     . HOH B 2 .  ? 5.867   6.371   17.524  1.00 32.60 ? 163 HOH A O     1 
HETATM 267 O O     . HOH B 2 .  ? -17.451 -5.769  -3.177  1.00 39.49 ? 164 HOH A O     1 
HETATM 268 O O     . HOH B 2 .  ? -6.632  -6.829  -2.522  1.00 36.70 ? 165 HOH A O     1 
HETATM 269 O O     . HOH B 2 .  ? 4.727   6.502   4.685   1.00 37.45 ? 166 HOH A O     1 
HETATM 270 O O     . HOH B 2 .  ? 9.675   -1.302  -2.961  1.00 26.28 ? 167 HOH A O     1 
HETATM 271 O O     . HOH B 2 .  ? -2.895  -8.011  -5.606  1.00 20.44 ? 168 HOH A O     1 
HETATM 272 O O     . HOH B 2 .  ? -15.141 2.372   3.761   1.00 33.21 ? 169 HOH A O     1 
HETATM 273 O O     . HOH B 2 .  ? 9.078   -5.256  -1.153  1.00 27.45 ? 170 HOH A O     1 
HETATM 274 O O     . HOH B 2 .  ? -8.974  -9.506  -3.689  1.00 29.14 ? 171 HOH A O     1 
HETATM 275 O O     . HOH B 2 .  ? 2.985   5.941   -4.823  1.00 36.09 ? 172 HOH A O     1 
HETATM 276 O O     . HOH B 2 .  ? -4.714  -7.512  -0.976  1.00 39.48 ? 173 HOH A O     1 
HETATM 277 O O     . HOH B 2 .  ? -7.393  -12.239 -7.099  1.00 24.20 ? 174 HOH A O     1 
HETATM 278 O O     . HOH B 2 .  ? 1.814   -6.252  -5.253  1.00 26.70 ? 175 HOH A O     1 
HETATM 279 O O     . HOH B 2 .  ? -11.591 -1.736  1.584   1.00 27.83 ? 176 HOH A O     1 
HETATM 280 O O     . HOH B 2 .  ? 15.271  7.935   4.807   1.00 36.83 ? 177 HOH A O     1 
# 
loop_
_atom_site_anisotrop.id 
_atom_site_anisotrop.type_symbol 
_atom_site_anisotrop.pdbx_label_atom_id 
_atom_site_anisotrop.pdbx_label_alt_id 
_atom_site_anisotrop.pdbx_label_comp_id 
_atom_site_anisotrop.pdbx_label_asym_id 
_atom_site_anisotrop.pdbx_label_seq_id 
_atom_site_anisotrop.pdbx_PDB_ins_code 
_atom_site_anisotrop.U[1][1] 
_atom_site_anisotrop.U[2][2] 
_atom_site_anisotrop.U[3][3] 
_atom_site_anisotrop.U[1][2] 
_atom_site_anisotrop.U[1][3] 
_atom_site_anisotrop.U[2][3] 
_atom_site_anisotrop.pdbx_auth_seq_id 
_atom_site_anisotrop.pdbx_auth_comp_id 
_atom_site_anisotrop.pdbx_auth_asym_id 
_atom_site_anisotrop.pdbx_auth_atom_id 
1   O "O5'" . DC  A 1  ? 0.3351 0.3513 0.3806 0.0916  0.0222  0.1259  1   DC  A "O5'" 
2   C "C5'" . DC  A 1  ? 0.3146 0.3257 0.3170 0.0863  0.0242  0.1020  1   DC  A "C5'" 
3   C "C4'" . DC  A 1  ? 0.2706 0.3018 0.2811 0.0634  0.0292  0.0779  1   DC  A "C4'" 
4   O "O4'" . DC  A 1  ? 0.2421 0.3074 0.2976 0.0479  0.0410  0.0798  1   DC  A "O4'" 
5   C "C3'" . DC  A 1  ? 0.2242 0.2702 0.2618 0.0507  0.0097  0.0363  1   DC  A "C3'" 
6   O "O3'" . DC  A 1  ? 0.1901 0.2520 0.2343 0.0438  0.0020  0.0078  1   DC  A "O3'" 
7   C "C2'" . DC  A 1  ? 0.1994 0.2671 0.2695 0.0470  0.0001  0.0309  1   DC  A "C2'" 
8   C "C1'" . DC  A 1  ? 0.2161 0.2723 0.2192 0.0386  0.0279  0.0352  1   DC  A "C1'" 
9   N N1    . DC  A 1  ? 0.1756 0.2545 0.1639 0.0299  0.0160  0.0230  1   DC  A N1    
10  C C2    . DC  A 1  ? 0.1462 0.2613 0.1645 0.0060  0.0168  0.0175  1   DC  A C2    
11  O O2    . DC  A 1  ? 0.1611 0.2744 0.1619 -0.0309 0.0168  -0.0130 1   DC  A O2    
12  N N3    . DC  A 1  ? 0.1367 0.2352 0.1488 0.0163  -0.0117 -0.0050 1   DC  A N3    
13  C C4    . DC  A 1  ? 0.1041 0.2245 0.1774 0.0176  -0.0144 0.0060  1   DC  A C4    
14  N N4    . DC  A 1  ? 0.1043 0.2478 0.1478 0.0240  0.0041  -0.0106 1   DC  A N4    
15  C C5    . DC  A 1  ? 0.1332 0.2156 0.1736 0.0270  -0.0079 -0.0129 1   DC  A C5    
16  C C6    . DC  A 1  ? 0.1453 0.2199 0.1796 0.0209  0.0152  0.0320  1   DC  A C6    
17  P P     . DC  A 2  ? 0.1698 0.2178 0.1895 -0.0086 0.0364  0.0132  2   DC  A P     
18  O OP1   . DC  A 2  ? 0.1545 0.2591 0.2547 0.0103  0.0464  0.0229  2   DC  A OP1   
19  O OP2   . DC  A 2  ? 0.2035 0.2288 0.1635 0.0241  0.0244  0.0223  2   DC  A OP2   
20  O "O5'" . DC  A 2  ? 0.1790 0.1435 0.1761 -0.0124 0.0182  0.0000  2   DC  A "O5'" 
21  C "C5'" . DC  A 2  ? 0.1574 0.1117 0.1978 -0.0003 0.0116  0.0092  2   DC  A "C5'" 
22  C "C4'" . DC  A 2  ? 0.1501 0.1074 0.1836 0.0042  0.0015  -0.0096 2   DC  A "C4'" 
23  O "O4'" . DC  A 2  ? 0.1239 0.1293 0.1710 0.0309  0.0022  0.0144  2   DC  A "O4'" 
24  C "C3'" . DC  A 2  ? 0.1488 0.1075 0.1849 0.0124  0.0069  -0.0031 2   DC  A "C3'" 
25  O "O3'" . DC  A 2  ? 0.1555 0.0923 0.1928 0.0016  0.0326  -0.0108 2   DC  A "O3'" 
26  C "C2'" . DC  A 2  ? 0.1331 0.1124 0.1610 0.0024  -0.0048 0.0060  2   DC  A "C2'" 
27  C "C1'" . DC  A 2  ? 0.1337 0.1190 0.1422 0.0150  -0.0105 0.0135  2   DC  A "C1'" 
28  N N1    . DC  A 2  ? 0.1132 0.1084 0.1313 0.0141  -0.0038 -0.0151 2   DC  A N1    
29  C C2    . DC  A 2  ? 0.1251 0.1315 0.1210 -0.0023 0.0037  -0.0215 2   DC  A C2    
30  O O2    . DC  A 2  ? 0.1613 0.1410 0.1603 0.0134  -0.0075 -0.0222 2   DC  A O2    
31  N N3    . DC  A 2  ? 0.1122 0.1245 0.1495 -0.0008 -0.0087 -0.0158 2   DC  A N3    
32  C C4    . DC  A 2  ? 0.1005 0.1318 0.1364 -0.0080 -0.0006 -0.0145 2   DC  A C4    
33  N N4    . DC  A 2  ? 0.1094 0.1275 0.1675 0.0131  0.0028  0.0317  2   DC  A N4    
34  C C5    . DC  A 2  ? 0.1117 0.1315 0.1331 -0.0053 0.0003  -0.0057 2   DC  A C5    
35  C C6    . DC  A 2  ? 0.1287 0.1295 0.1034 0.0110  0.0088  0.0068  2   DC  A C6    
36  P P     . DA  A 3  ? 0.1837 0.1327 0.2259 0.0010  0.0252  0.0189  3   DA  A P     
37  O OP1   . DA  A 3  ? 0.1943 0.1609 0.2931 -0.0165 0.0275  -0.0200 3   DA  A OP1   
38  O OP2   . DA  A 3  ? 0.2362 0.1532 0.1957 -0.0057 0.0396  0.0447  3   DA  A OP2   
39  O "O5'" . DA  A 3  ? 0.1647 0.1291 0.1937 -0.0022 -0.0049 -0.0238 3   DA  A "O5'" 
40  C "C5'" . DA  A 3  ? 0.1570 0.1255 0.1749 0.0045  -0.0040 -0.0078 3   DA  A "C5'" 
41  C "C4'" . DA  A 3  ? 0.1418 0.1335 0.1872 0.0080  -0.0145 -0.0053 3   DA  A "C4'" 
42  O "O4'" . DA  A 3  ? 0.1387 0.1442 0.1860 0.0016  -0.0298 0.0217  3   DA  A "O4'" 
43  C "C3'" . DA  A 3  ? 0.1490 0.1305 0.1845 0.0150  -0.0203 -0.0320 3   DA  A "C3'" 
44  O "O3'" . DA  A 3  ? 0.1817 0.1581 0.1698 0.0002  0.0011  -0.0226 3   DA  A "O3'" 
45  C "C2'" . DA  A 3  ? 0.1572 0.1351 0.1576 0.0098  -0.0132 -0.0366 3   DA  A "C2'" 
46  C "C1'" . DA  A 3  ? 0.1467 0.1309 0.1537 -0.0095 -0.0116 -0.0166 3   DA  A "C1'" 
47  N N9    . DA  A 3  ? 0.1404 0.1397 0.1383 0.0019  0.0040  0.0053  3   DA  A N9    
48  C C8    . DA  A 3  ? 0.1573 0.1423 0.1473 -0.0046 -0.0139 -0.0238 3   DA  A C8    
49  N N7    . DA  A 3  ? 0.1423 0.1319 0.1424 -0.0182 -0.0071 -0.0096 3   DA  A N7    
50  C C5    . DA  A 3  ? 0.1234 0.1270 0.1599 -0.0040 -0.0223 -0.0245 3   DA  A C5    
51  C C6    . DA  A 3  ? 0.1340 0.1492 0.1518 -0.0011 -0.0091 -0.0105 3   DA  A C6    
52  N N6    . DA  A 3  ? 0.1198 0.1828 0.1894 -0.0219 -0.0325 -0.0433 3   DA  A N6    
53  N N1    . DA  A 3  ? 0.1479 0.1223 0.1413 0.0060  -0.0042 -0.0184 3   DA  A N1    
54  C C2    . DA  A 3  ? 0.1452 0.1486 0.1563 -0.0170 0.0026  -0.0052 3   DA  A C2    
55  N N3    . DA  A 3  ? 0.1444 0.1330 0.1737 0.0015  -0.0013 -0.0107 3   DA  A N3    
56  C C4    . DA  A 3  ? 0.1208 0.1392 0.1657 -0.0026 -0.0082 -0.0062 3   DA  A C4    
57  P P     . DG  A 4  ? 0.1853 0.1686 0.2101 0.0019  -0.0177 -0.0450 4   DG  A P     
58  O OP1   . DG  A 4  ? 0.1972 0.2075 0.2126 0.0036  -0.0030 -0.0445 4   DG  A OP1   
59  O OP2   . DG  A 4  ? 0.2449 0.1635 0.2375 0.0388  -0.0212 -0.0144 4   DG  A OP2   
60  O "O5'" . DG  A 4  ? 0.1701 0.1853 0.2072 -0.0093 -0.0219 -0.0363 4   DG  A "O5'" 
61  C "C5'" . DG  A 4  ? 0.1731 0.1841 0.1746 -0.0128 -0.0029 -0.0424 4   DG  A "C5'" 
62  C "C4'" . DG  A 4  ? 0.1874 0.1799 0.2121 -0.0126 -0.0006 -0.0431 4   DG  A "C4'" 
63  O "O4'" . DG  A 4  ? 0.1756 0.1834 0.2377 -0.0128 -0.0075 -0.0405 4   DG  A "O4'" 
64  C "C3'" . DG  A 4  ? 0.1862 0.2159 0.2774 -0.0211 0.0053  -0.0349 4   DG  A "C3'" 
65  O "O3'" . DG  A 4  ? 0.2438 0.2079 0.3018 -0.0135 0.0094  -0.0629 4   DG  A "O3'" 
66  C "C2'" . DG  A 4  ? 0.1877 0.2512 0.2603 -0.0037 0.0011  -0.0244 4   DG  A "C2'" 
67  C "C1'" . DG  A 4  ? 0.1836 0.2196 0.2667 0.0019  -0.0245 -0.0457 4   DG  A "C1'" 
68  N N9    . DG  A 4  ? 0.1755 0.2057 0.2597 0.0068  -0.0490 -0.0514 4   DG  A N9    
69  C C8    . DG  A 4  ? 0.1622 0.1758 0.2687 0.0056  -0.0717 -0.0752 4   DG  A C8    
70  N N7    . DG  A 4  ? 0.1504 0.1769 0.2699 0.0248  -0.0674 -0.0655 4   DG  A N7    
71  C C5    . DG  A 4  ? 0.1502 0.1598 0.2296 0.0119  -0.0658 -0.0458 4   DG  A C5    
72  C C6    . DG  A 4  ? 0.1629 0.1589 0.2148 0.0294  -0.0606 -0.0294 4   DG  A C6    
73  O O6    . DG  A 4  ? 0.1513 0.1373 0.2179 0.0118  -0.0760 -0.0412 4   DG  A O6    
74  N N1    . DG  A 4  ? 0.1632 0.1516 0.2130 0.0294  -0.0457 -0.0212 4   DG  A N1    
75  C C2    . DG  A 4  ? 0.1823 0.1314 0.1785 0.0085  -0.0316 -0.0583 4   DG  A C2    
76  N N2    . DG  A 4  ? 0.2145 0.1490 0.1977 0.0028  -0.0187 -0.0291 4   DG  A N2    
77  N N3    . DG  A 4  ? 0.1776 0.1627 0.2075 0.0073  -0.0322 -0.0512 4   DG  A N3    
78  C C4    . DG  A 4  ? 0.1552 0.1670 0.2258 0.0018  -0.0529 -0.0631 4   DG  A C4    
79  N N1    . 5CM A 5  ? 0.2566 0.2777 0.2602 -0.0176 -0.0503 0.0046  5   5CM A N1    
80  C C2    . 5CM A 5  ? 0.2241 0.2466 0.2504 -0.0228 -0.0436 0.0245  5   5CM A C2    
81  N N3    . 5CM A 5  ? 0.1890 0.2345 0.2409 -0.0227 -0.0404 0.0247  5   5CM A N3    
82  C C4    . 5CM A 5  ? 0.1868 0.2414 0.2543 -0.0213 -0.0459 0.0347  5   5CM A C4    
83  C C5    . 5CM A 5  ? 0.2310 0.2222 0.2674 -0.0149 -0.0408 0.0280  5   5CM A C5    
84  C C5A   . 5CM A 5  ? 0.2754 0.1984 0.2851 -0.0077 -0.0284 0.0301  5   5CM A C5A   
85  C C6    . 5CM A 5  ? 0.2395 0.2550 0.2589 -0.0108 -0.0523 0.0157  5   5CM A C6    
86  O O2    . 5CM A 5  ? 0.2506 0.2132 0.2381 -0.0422 -0.0499 0.0161  5   5CM A O2    
87  N N4    . 5CM A 5  ? 0.1991 0.2733 0.2756 0.0090  -0.0463 0.0608  5   5CM A N4    
88  C "C1'" . 5CM A 5  ? 0.3098 0.3162 0.2624 0.0015  -0.0286 -0.0092 5   5CM A "C1'" 
89  C "C2'" . 5CM A 5  ? 0.3106 0.3177 0.2972 -0.0029 -0.0225 -0.0081 5   5CM A "C2'" 
90  C "C3'" . 5CM A 5  ? 0.3227 0.3073 0.3105 -0.0230 -0.0111 -0.0158 5   5CM A "C3'" 
91  C "C4'" . 5CM A 5  ? 0.3198 0.3130 0.3039 -0.0021 -0.0056 -0.0274 5   5CM A "C4'" 
92  O "O4'" . 5CM A 5  ? 0.3084 0.3287 0.2726 0.0065  -0.0176 -0.0111 5   5CM A "O4'" 
93  O "O3'" . 5CM A 5  ? 0.3256 0.2963 0.3134 -0.0495 -0.0114 -0.0099 5   5CM A "O3'" 
94  C "C5'" . 5CM A 5  ? 0.3063 0.3011 0.3123 0.0010  -0.0001 -0.0309 5   5CM A "C5'" 
95  O "O5'" . 5CM A 5  ? 0.2816 0.2847 0.3300 0.0047  0.0038  -0.0135 5   5CM A "O5'" 
96  P P     . 5CM A 5  ? 0.2548 0.1830 0.3346 0.0173  0.0008  -0.0684 5   5CM A P     
97  O OP1   . 5CM A 5  ? 0.2874 0.2592 0.4239 0.0205  -0.0335 -0.0256 5   5CM A OP1   
98  O OP2   . 5CM A 5  ? 0.2506 0.2032 0.2891 0.0360  0.0074  -0.0256 5   5CM A OP2   
99  P P     . DG  A 6  ? 0.3019 0.3225 0.3077 -0.0599 -0.0267 -0.0050 6   DG  A P     
100 O OP1   . DG  A 6  ? 0.2563 0.3571 0.3805 -0.0715 -0.0203 0.0746  6   DG  A OP1   
101 O OP2   . DG  A 6  ? 0.3360 0.3579 0.3227 -0.0206 -0.0510 -0.0496 6   DG  A OP2   
102 O "O5'" . DG  A 6  ? 0.2933 0.3154 0.3205 -0.0461 -0.0515 -0.0364 6   DG  A "O5'" 
103 C "C5'" . DG  A 6  ? 0.3016 0.3320 0.2970 -0.0469 -0.0425 -0.0709 6   DG  A "C5'" 
104 C "C4'" . DG  A 6  ? 0.2945 0.3709 0.3271 -0.0599 -0.0213 -0.1063 6   DG  A "C4'" 
105 O "O4'" . DG  A 6  ? 0.2926 0.3734 0.3227 -0.0463 -0.0274 -0.1050 6   DG  A "O4'" 
106 C "C3'" . DG  A 6  ? 0.3104 0.4450 0.3328 -0.0819 0.0045  -0.1180 6   DG  A "C3'" 
107 O "O3'" . DG  A 6  ? 0.3323 0.4910 0.3472 -0.1161 0.0225  -0.0804 6   DG  A "O3'" 
108 C "C2'" . DG  A 6  ? 0.3122 0.4388 0.2960 -0.0541 -0.0004 -0.1159 6   DG  A "C2'" 
109 C "C1'" . DG  A 6  ? 0.2853 0.3965 0.2754 -0.0410 -0.0248 -0.1094 6   DG  A "C1'" 
110 N N9    . DG  A 6  ? 0.2481 0.3816 0.2984 -0.0002 -0.0636 -0.0720 6   DG  A N9    
111 C C8    . DG  A 6  ? 0.2394 0.3933 0.2918 0.0136  -0.0762 -0.0764 6   DG  A C8    
112 N N7    . DG  A 6  ? 0.2265 0.3870 0.2753 0.0116  -0.0889 -0.0775 6   DG  A N7    
113 C C5    . DG  A 6  ? 0.2197 0.3329 0.2802 0.0078  -0.0789 -0.0625 6   DG  A C5    
114 C C6    . DG  A 6  ? 0.2247 0.2729 0.2774 0.0043  -0.0816 -0.0560 6   DG  A C6    
115 O O6    . DG  A 6  ? 0.2128 0.2857 0.3109 -0.0084 -0.0954 -0.0684 6   DG  A O6    
116 N N1    . DG  A 6  ? 0.2039 0.2647 0.2495 0.0020  -0.0692 -0.0244 6   DG  A N1    
117 C C2    . DG  A 6  ? 0.1922 0.2581 0.2519 0.0192  -0.0643 -0.0028 6   DG  A C2    
118 N N2    . DG  A 6  ? 0.1859 0.2414 0.2612 0.0307  -0.0660 0.0139  6   DG  A N2    
119 N N3    . DG  A 6  ? 0.1930 0.2786 0.2913 0.0090  -0.0692 -0.0219 6   DG  A N3    
120 C C4    . DG  A 6  ? 0.2161 0.3210 0.2819 0.0050  -0.0763 -0.0601 6   DG  A C4    
121 P P     . DC  A 7  ? 0.3507 0.4494 0.2284 -0.0973 -0.0015 0.0195  7   DC  A P     
122 O OP1   . DC  A 7  ? 0.3749 0.5693 0.3951 -0.0298 -0.0580 0.1091  7   DC  A OP1   
123 O OP2   . DC  A 7  ? 0.4042 0.3894 0.2154 -0.1225 -0.0037 -0.0097 7   DC  A OP2   
124 O "O5'" . DC  A 7  ? 0.3506 0.3439 0.1828 -0.0812 -0.0176 -0.0174 7   DC  A "O5'" 
125 C "C5'" . DC  A 7  ? 0.2802 0.2968 0.1934 -0.0587 -0.0103 0.0277  7   DC  A "C5'" 
126 C "C4'" . DC  A 7  ? 0.2092 0.2185 0.2097 -0.0450 -0.0082 0.0483  7   DC  A "C4'" 
127 O "O4'" . DC  A 7  ? 0.1802 0.2216 0.2129 -0.0234 -0.0289 0.0568  7   DC  A "O4'" 
128 C "C3'" . DC  A 7  ? 0.1877 0.1938 0.2091 -0.0161 -0.0119 0.0342  7   DC  A "C3'" 
129 O "O3'" . DC  A 7  ? 0.1916 0.1361 0.1718 -0.0048 -0.0091 0.0140  7   DC  A "O3'" 
130 C "C2'" . DC  A 7  ? 0.1775 0.2010 0.1919 -0.0251 -0.0151 0.0157  7   DC  A "C2'" 
131 C "C1'" . DC  A 7  ? 0.1832 0.1798 0.1814 -0.0244 -0.0006 0.0605  7   DC  A "C1'" 
132 N N1    . DC  A 7  ? 0.1970 0.1860 0.1637 -0.0212 0.0055  0.0353  7   DC  A N1    
133 C C2    . DC  A 7  ? 0.1832 0.2178 0.1643 -0.0090 0.0052  0.0222  7   DC  A C2    
134 O O2    . DC  A 7  ? 0.1894 0.2390 0.1684 -0.0165 0.0147  0.0297  7   DC  A O2    
135 N N3    . DC  A 7  ? 0.1732 0.2122 0.1476 -0.0002 -0.0037 0.0299  7   DC  A N3    
136 C C4    . DC  A 7  ? 0.1529 0.2024 0.1627 -0.0059 -0.0110 0.0306  7   DC  A C4    
137 N N4    . DC  A 7  ? 0.1232 0.2209 0.1691 -0.0050 -0.0315 0.0522  7   DC  A N4    
138 C C5    . DC  A 7  ? 0.1770 0.1918 0.1471 -0.0120 0.0019  0.0238  7   DC  A C5    
139 C C6    . DC  A 7  ? 0.2091 0.1993 0.1410 -0.0121 0.0121  0.0294  7   DC  A C6    
140 P P     . DT  A 8  ? 0.1768 0.1508 0.1736 -0.0053 0.0040  0.0283  8   DT  A P     
141 O OP1   . DT  A 8  ? 0.1878 0.1527 0.1931 0.0114  -0.0255 0.0162  8   DT  A OP1   
142 O OP2   . DT  A 8  ? 0.1845 0.1679 0.1472 0.0040  0.0066  0.0157  8   DT  A OP2   
143 O "O5'" . DT  A 8  ? 0.1729 0.1674 0.1383 0.0030  0.0221  0.0184  8   DT  A "O5'" 
144 C "C5'" . DT  A 8  ? 0.1694 0.1520 0.1365 -0.0091 0.0165  0.0075  8   DT  A "C5'" 
145 C "C4'" . DT  A 8  ? 0.1452 0.1445 0.1424 -0.0236 0.0007  0.0013  8   DT  A "C4'" 
146 O "O4'" . DT  A 8  ? 0.1466 0.1381 0.1479 0.0022  -0.0031 0.0241  8   DT  A "O4'" 
147 C "C3'" . DT  A 8  ? 0.1466 0.1539 0.1377 -0.0295 0.0065  0.0158  8   DT  A "C3'" 
148 O "O3'" . DT  A 8  ? 0.2059 0.1311 0.1184 -0.0208 -0.0027 0.0087  8   DT  A "O3'" 
149 C "C2'" . DT  A 8  ? 0.1517 0.1477 0.1506 -0.0119 -0.0135 0.0039  8   DT  A "C2'" 
150 C "C1'" . DT  A 8  ? 0.1465 0.1419 0.1458 -0.0093 0.0017  0.0150  8   DT  A "C1'" 
151 N N1    . DT  A 8  ? 0.1373 0.1471 0.1224 0.0064  0.0056  0.0122  8   DT  A N1    
152 C C2    . DT  A 8  ? 0.1015 0.1245 0.1366 -0.0050 -0.0035 0.0328  8   DT  A C2    
153 O O2    . DT  A 8  ? 0.1251 0.1285 0.1233 -0.0200 -0.0086 0.0047  8   DT  A O2    
154 N N3    . DT  A 8  ? 0.1215 0.0966 0.1323 0.0089  -0.0193 0.0119  8   DT  A N3    
155 C C4    . DT  A 8  ? 0.1477 0.1103 0.1136 0.0211  0.0059  0.0051  8   DT  A C4    
156 O O4    . DT  A 8  ? 0.1537 0.1336 0.1242 0.0193  0.0037  -0.0092 8   DT  A O4    
157 C C5    . DT  A 8  ? 0.1615 0.1112 0.1132 0.0206  0.0187  0.0150  8   DT  A C5    
158 C C7    . DT  A 8  ? 0.1813 0.1366 0.1144 0.0025  0.0414  0.0393  8   DT  A C7    
159 C C6    . DT  A 8  ? 0.1392 0.1306 0.1500 0.0083  -0.0064 0.0033  8   DT  A C6    
160 P P     . DG  A 9  ? 0.2233 0.1483 0.1669 -0.0029 0.0175  0.0086  9   DG  A P     
161 O OP1   . DG  A 9  ? 0.2594 0.1564 0.1538 -0.0002 0.0294  0.0053  9   DG  A OP1   
162 O OP2   . DG  A 9  ? 0.2048 0.1721 0.2286 -0.0408 0.0080  -0.0213 9   DG  A OP2   
163 O "O5'" . DG  A 9  ? 0.1953 0.1442 0.1498 -0.0051 0.0149  0.0143  9   DG  A "O5'" 
164 C "C5'" . DG  A 9  ? 0.1852 0.1323 0.1345 0.0002  0.0044  0.0082  9   DG  A "C5'" 
165 C "C4'" . DG  A 9  ? 0.1677 0.1295 0.1455 0.0054  -0.0002 0.0000  9   DG  A "C4'" 
166 O "O4'" . DG  A 9  ? 0.1274 0.1366 0.1558 -0.0041 -0.0254 -0.0093 9   DG  A "O4'" 
167 C "C3'" . DG  A 9  ? 0.1593 0.1491 0.1423 0.0017  -0.0021 -0.0064 9   DG  A "C3'" 
168 O "O3'" . DG  A 9  ? 0.1791 0.1468 0.1329 0.0058  -0.0014 0.0012  9   DG  A "O3'" 
169 C "C2'" . DG  A 9  ? 0.1398 0.1456 0.1689 0.0062  -0.0213 -0.0110 9   DG  A "C2'" 
170 C "C1'" . DG  A 9  ? 0.1426 0.1223 0.1455 0.0062  -0.0117 -0.0178 9   DG  A "C1'" 
171 N N9    . DG  A 9  ? 0.1396 0.1421 0.1403 0.0077  -0.0093 0.0155  9   DG  A N9    
172 C C8    . DG  A 9  ? 0.1542 0.1399 0.1259 -0.0176 0.0108  -0.0020 9   DG  A C8    
173 N N7    . DG  A 9  ? 0.1203 0.1447 0.1448 -0.0144 0.0337  0.0134  9   DG  A N7    
174 C C5    . DG  A 9  ? 0.1122 0.1173 0.1282 -0.0062 0.0054  -0.0001 9   DG  A C5    
175 C C6    . DG  A 9  ? 0.0879 0.1099 0.1346 -0.0185 0.0032  0.0077  9   DG  A C6    
176 O O6    . DG  A 9  ? 0.1211 0.1231 0.1332 -0.0218 0.0213  0.0142  9   DG  A O6    
177 N N1    . DG  A 9  ? 0.1209 0.1174 0.1131 -0.0026 -0.0004 0.0047  9   DG  A N1    
178 C C2    . DG  A 9  ? 0.1189 0.1337 0.1078 -0.0073 0.0025  0.0017  9   DG  A C2    
179 N N2    . DG  A 9  ? 0.1075 0.1021 0.1142 -0.0108 0.0081  0.0055  9   DG  A N2    
180 N N3    . DG  A 9  ? 0.1220 0.1165 0.1286 -0.0124 -0.0085 -0.0097 9   DG  A N3    
181 C C4    . DG  A 9  ? 0.1249 0.1220 0.1538 0.0055  -0.0191 -0.0120 9   DG  A C4    
182 P P     . DG  A 10 ? 0.2105 0.2130 0.1520 0.0198  -0.0048 0.0272  10  DG  A P     
183 O OP1   . DG  A 10 ? 0.2345 0.2362 0.1963 0.0600  -0.0018 0.0139  10  DG  A OP1   
184 O OP2   . DG  A 10 ? 0.2109 0.2518 0.2012 -0.0112 -0.0262 0.0183  10  DG  A OP2   
185 O "O5'" . DG  A 10 ? 0.2103 0.1910 0.1448 0.0387  -0.0110 0.0386  10  DG  A "O5'" 
186 C "C5'" . DG  A 10 ? 0.2042 0.2029 0.1393 0.0260  0.0152  0.0283  10  DG  A "C5'" 
187 C "C4'" . DG  A 10 ? 0.2042 0.2090 0.1541 0.0275  0.0267  0.0449  10  DG  A "C4'" 
188 O "O4'" . DG  A 10 ? 0.1945 0.2078 0.1347 0.0175  0.0268  0.0504  10  DG  A "O4'" 
189 C "C3'" . DG  A 10 ? 0.2195 0.2785 0.2138 0.0606  -0.0027 0.0684  10  DG  A "C3'" 
190 O "O3'" . DG  A 10 ? 0.2352 0.4140 0.3135 0.0964  -0.0146 0.1300  10  DG  A "O3'" 
191 C "C2'" . DG  A 10 ? 0.2139 0.2097 0.1207 0.0143  0.0096  0.0516  10  DG  A "C2'" 
192 C "C1'" . DG  A 10 ? 0.1630 0.1768 0.1291 0.0117  0.0043  0.0306  10  DG  A "C1'" 
193 N N9    . DG  A 10 ? 0.1322 0.1463 0.1358 0.0022  -0.0138 -0.0043 10  DG  A N9    
194 C C8    . DG  A 10 ? 0.1056 0.1443 0.1226 0.0044  -0.0178 -0.0021 10  DG  A C8    
195 N N7    . DG  A 10 ? 0.1062 0.1585 0.1092 0.0136  -0.0108 0.0269  10  DG  A N7    
196 C C5    . DG  A 10 ? 0.1192 0.1332 0.1297 0.0274  -0.0224 0.0101  10  DG  A C5    
197 C C6    . DG  A 10 ? 0.1287 0.1559 0.1632 0.0379  -0.0194 0.0184  10  DG  A C6    
198 O O6    . DG  A 10 ? 0.1486 0.1891 0.1330 0.0210  0.0140  0.0160  10  DG  A O6    
199 N N1    . DG  A 10 ? 0.1518 0.1708 0.1574 0.0345  -0.0140 0.0319  10  DG  A N1    
200 C C2    . DG  A 10 ? 0.1693 0.1152 0.1528 0.0404  -0.0257 0.0137  10  DG  A C2    
201 N N2    . DG  A 10 ? 0.2053 0.1102 0.1610 0.0447  -0.0441 -0.0211 10  DG  A N2    
202 N N3    . DG  A 10 ? 0.1764 0.1197 0.1211 0.0246  -0.0260 0.0010  10  DG  A N3    
203 C C4    . DG  A 10 ? 0.1448 0.1460 0.1374 0.0199  -0.0162 0.0092  10  DG  A C4    
205 O O     . HOH B .  ? 0.4676 0.3595 0.6660 -0.0532 -0.0896 -0.0017 102 HOH A O     
206 O O     . HOH B .  ? 0.3743 0.2665 0.2028 0.0116  -0.0494 0.0392  103 HOH A O     
207 O O     . HOH B .  ? 0.3533 0.1839 0.4549 0.0080  0.0337  -0.0054 104 HOH A O     
209 O O     . HOH B .  ? 0.8624 0.4597 0.5806 -0.0133 0.1483  0.2580  106 HOH A O     
210 O O     . HOH B .  ? 0.7221 0.4239 0.3135 -0.0754 0.0434  -0.0618 107 HOH A O     
211 O O     . HOH B .  ? 0.2566 0.5066 0.2575 0.0155  0.0488  0.0916  108 HOH A O     
212 O O     . HOH B .  ? 0.2072 0.5847 0.2274 0.0061  0.0225  0.0359  109 HOH A O     
213 O O     . HOH B .  ? 0.5858 0.3624 0.3039 -0.0670 0.1375  -0.1232 110 HOH A O     
214 O O     . HOH B .  ? 0.0884 0.2240 0.1108 0.0002  0.0186  0.0129  111 HOH A O     
215 O O     . HOH B .  ? 0.3316 0.2560 0.2837 -0.0093 -0.0659 -0.0033 112 HOH A O     
216 O O     . HOH B .  ? 0.2900 0.3641 0.2860 0.0234  -0.0111 0.1740  113 HOH A O     
217 O O     . HOH B .  ? 0.2201 0.2776 0.2070 -0.0271 0.0824  -0.0743 114 HOH A O     
218 O O     . HOH B .  ? 0.5481 0.3072 0.2875 -0.1377 -0.0069 0.0963  115 HOH A O     
219 O O     . HOH B .  ? 0.3939 0.4611 0.1901 0.0264  -0.0695 -0.0356 116 HOH A O     
220 O O     . HOH B .  ? 0.2960 0.2046 0.2494 0.0384  0.0281  -0.0252 117 HOH A O     
221 O O     . HOH B .  ? 0.2876 0.3455 0.2585 0.0878  0.0445  -0.1343 118 HOH A O     
222 O O     . HOH B .  ? 0.2051 0.2811 0.2074 0.0362  -0.0266 -0.0873 119 HOH A O     
223 O O     . HOH B .  ? 0.3758 0.4778 0.1786 0.1241  -0.0432 0.0542  120 HOH A O     
224 O O     . HOH B .  ? 0.3902 0.2574 0.5231 -0.1099 0.2525  -0.1426 121 HOH A O     
226 O O     . HOH B .  ? 0.3188 0.1712 0.2211 0.0209  0.0379  0.0125  123 HOH A O     
227 O O     . HOH B .  ? 0.3165 0.1864 0.2144 -0.0570 -0.0050 0.0023  124 HOH A O     
228 O O     . HOH B .  ? 0.2064 0.2018 0.1906 -0.0128 -0.0449 0.0200  125 HOH A O     
229 O O     . HOH B .  ? 0.1571 0.2000 0.1499 -0.0126 -0.0152 -0.0206 126 HOH A O     
230 O O     . HOH B .  ? 0.6063 0.5024 0.1865 0.1143  -0.0561 -0.0563 127 HOH A O     
231 O O     . HOH B .  ? 0.5928 0.4952 0.3449 0.2226  0.1037  0.1023  128 HOH A O     
232 O O     . HOH B .  ? 0.2965 0.3308 0.3822 0.1140  -0.1431 -0.0440 129 HOH A O     
233 O O     . HOH B .  ? 0.2348 0.3131 0.2174 0.0257  0.0077  -0.0167 130 HOH A O     
234 O O     . HOH B .  ? 0.3106 0.2830 0.1643 -0.0973 -0.0334 0.0508  131 HOH A O     
235 O O     . HOH B .  ? 0.1246 0.2013 0.2410 -0.0071 0.0274  -0.0415 132 HOH A O     
236 O O     . HOH B .  ? 0.1606 0.1752 0.2260 -0.0446 0.0308  0.0456  133 HOH A O     
237 O O     . HOH B .  ? 0.4547 0.3565 0.2161 -0.1545 0.0768  0.0393  134 HOH A O     
238 O O     . HOH B .  ? 0.2624 0.3206 0.4166 0.0048  0.0644  0.1701  135 HOH A O     
239 O O     . HOH B .  ? 0.1709 0.2719 0.1301 -0.0014 0.0140  -0.0846 136 HOH A O     
240 O O     . HOH B .  ? 0.2266 0.5064 0.2515 -0.1661 -0.0215 0.0054  137 HOH A O     
241 O O     . HOH B .  ? 0.1969 0.4373 0.2865 0.0325  0.0042  -0.0107 138 HOH A O     
242 O O     . HOH B .  ? 0.3738 0.5438 0.3026 -0.1682 -0.0577 0.1234  139 HOH A O     
244 O O     . HOH B .  ? 0.1797 0.5906 0.5290 -0.0976 0.0036  0.0397  141 HOH A O     
245 O O     . HOH B .  ? 0.3666 0.2283 0.2279 -0.0651 0.0210  0.0279  142 HOH A O     
246 O O     . HOH B .  ? 0.2469 0.2743 0.2796 -0.0705 0.0255  0.0021  143 HOH A O     
247 O O     . HOH B .  ? 0.2394 0.1505 0.3348 0.0466  0.0007  -0.0150 144 HOH A O     
248 O O     . HOH B .  ? 0.2614 0.3763 0.3104 -0.0459 0.0758  -0.0911 145 HOH A O     
249 O O     . HOH B .  ? 0.5238 0.2169 0.2731 0.0773  0.1104  0.0237  146 HOH A O     
250 O O     . HOH B .  ? 0.3738 0.2542 0.1935 -0.1005 -0.0082 -0.0329 147 HOH A O     
251 O O     . HOH B .  ? 0.3019 0.2036 0.2692 -0.0333 0.0572  -0.0205 148 HOH A O     
252 O O     . HOH B .  ? 0.2425 0.3736 0.2527 0.0091  0.0633  0.0283  149 HOH A O     
253 O O     . HOH B .  ? 0.4519 0.4039 0.2942 -0.1643 -0.0750 0.0076  150 HOH A O     
254 O O     . HOH B .  ? 0.2512 0.4995 0.6283 0.0067  0.0851  0.0278  151 HOH A O     
255 O O     . HOH B .  ? 0.3844 0.2454 0.2041 0.0891  0.0019  0.0005  152 HOH A O     
256 O O     . HOH B .  ? 0.1982 0.2894 0.6854 -0.0171 0.0594  -0.0842 153 HOH A O     
257 O O     . HOH B .  ? 0.3298 0.2995 0.2671 0.0625  0.0794  0.0401  154 HOH A O     
258 O O     . HOH B .  ? 0.4237 0.2362 0.2349 0.0237  -0.0459 0.0682  155 HOH A O     
259 O O     . HOH B .  ? 0.3852 0.4567 0.2754 -0.2309 0.1330  -0.1545 156 HOH A O     
260 O O     . HOH B .  ? 0.5045 0.2517 0.4533 -0.0844 -0.0216 -0.0862 157 HOH A O     
262 O O     . HOH B .  ? 0.3190 0.2335 0.3698 0.0058  -0.1280 -0.0547 159 HOH A O     
263 O O     . HOH B .  ? 0.1986 0.3931 0.1728 -0.0732 -0.0450 0.0500  160 HOH A O     
264 O O     . HOH B .  ? 0.7165 0.4563 0.2589 -0.0228 0.1226  0.0650  161 HOH A O     
267 O O     . HOH B .  ? 0.3580 0.5098 0.6327 0.0071  0.0519  -0.0002 164 HOH A O     
268 O O     . HOH B .  ? 0.3853 0.6830 0.3262 -0.0350 -0.0933 0.1061  165 HOH A O     
269 O O     . HOH B .  ? 0.4601 0.6405 0.3224 -0.1093 0.0494  -0.2304 166 HOH A O     
270 O O     . HOH B .  ? 0.4652 0.2812 0.2520 -0.0085 -0.0451 0.0641  167 HOH A O     
271 O O     . HOH B .  ? 0.2526 0.2254 0.2987 0.0122  -0.0282 -0.0015 168 HOH A O     
273 O O     . HOH B .  ? 0.5268 0.2426 0.2737 -0.1408 0.0869  -0.0403 170 HOH A O     
274 O O     . HOH B .  ? 0.4490 0.3405 0.3176 -0.1377 0.0383  0.0205  171 HOH A O     
277 O O     . HOH B .  ? 0.3639 0.3121 0.2434 0.0341  0.0672  0.0236  174 HOH A O     
278 O O     . HOH B .  ? 0.4504 0.3319 0.2323 -0.0404 -0.0835 0.0532  175 HOH A O     
279 O O     . HOH B .  ? 0.3791 0.4280 0.2504 0.0236  0.0746  0.1051  176 HOH A O     
# 
